data_6PQN
#
_entry.id   6PQN
#
_cell.length_a   160.292
_cell.length_b   160.292
_cell.length_c   235.858
_cell.angle_alpha   90.000
_cell.angle_beta   90.000
_cell.angle_gamma   120.000
#
_symmetry.space_group_name_H-M   'P 61 2 2'
#
loop_
_entity.id
_entity.type
_entity.pdbx_description
1 polymer 'Putative DNA-mediated transposase'
2 non-polymer 'ZINC ION'
3 non-polymer 'PHOSPHATE ION'
4 non-polymer GLYCEROL
5 non-polymer 'SODIUM ION'
6 water water
#
_entity_poly.entity_id   1
_entity_poly.type   'polypeptide(L)'
_entity_poly.pdbx_seq_one_letter_code
;KPAPSTIFSPEKALGLLLSLKLSKWQYITLRETTIREGSKEIYPSYYKVQKAKLQCYPPKAFVAVTDSSAKIALQALLDL
TVNRIFETIRSPDAIQNKQLILISKWGFDGASNQSRYKQNIESGQGDSSIFMTSLVPLKLTADGDTVWVNPKPCSPMYCR
PVQFSFVKETKDVVINEKTAMDDEIEALVPSKCQGHEISHKLMMTMIDGKICTYLSEAKSNAACYLCLAKPTEMSKLDVI
ASKTISSGVYEFGLSTLHARINVMECLLHIAYRLDFKKWSARGEGHQELLHSRKKLIQDRFKDDLNLLIDIVKQGSGTTN
DGNTARRFFEFPDKTAAITGLDEDLIRRFSVILQAITSGEIIDVPKFKEYARTTAEKYVELYDWYYMSSTVHKLLIHGGD
IIAENAIVPIGSLSEEASEARNKDFRRFREHHSRKKSRQASNEDILNMLIISSDPLISFTRPKLDAHKRQTYFKETVELL
QLQDQEAPTEFHHHHHH
;
_entity_poly.pdbx_strand_id   A,B
#
# COMPACT_ATOMS: atom_id res chain seq x y z
N SER A 5 -10.59 -12.10 -28.13
CA SER A 5 -11.88 -11.86 -27.48
C SER A 5 -11.73 -10.85 -26.35
N THR A 6 -10.49 -10.68 -25.88
CA THR A 6 -10.18 -9.75 -24.80
C THR A 6 -8.92 -8.97 -25.16
N ILE A 7 -8.96 -7.65 -24.96
CA ILE A 7 -7.84 -6.78 -25.33
C ILE A 7 -6.57 -7.21 -24.63
N PHE A 8 -6.67 -7.47 -23.33
CA PHE A 8 -5.53 -7.96 -22.55
C PHE A 8 -5.57 -9.48 -22.53
N SER A 9 -4.46 -10.09 -22.89
CA SER A 9 -4.30 -11.52 -22.67
C SER A 9 -4.25 -11.80 -21.17
N PRO A 10 -4.59 -13.03 -20.76
CA PRO A 10 -4.38 -13.38 -19.34
C PRO A 10 -2.95 -13.15 -18.90
N GLU A 11 -1.99 -13.44 -19.77
CA GLU A 11 -0.59 -13.13 -19.48
C GLU A 11 -0.32 -11.63 -19.54
N LYS A 12 -0.96 -10.94 -20.49
CA LYS A 12 -0.77 -9.50 -20.60
C LYS A 12 -1.42 -8.76 -19.44
N ALA A 13 -2.55 -9.27 -18.95
CA ALA A 13 -3.14 -8.72 -17.72
C ALA A 13 -2.16 -8.87 -16.57
N LEU A 14 -1.59 -10.06 -16.41
CA LEU A 14 -0.59 -10.29 -15.36
C LEU A 14 0.55 -9.29 -15.45
N GLY A 15 0.94 -8.91 -16.68
CA GLY A 15 1.91 -7.83 -16.83
C GLY A 15 1.40 -6.52 -16.25
N LEU A 16 0.21 -6.10 -16.68
CA LEU A 16 -0.40 -4.89 -16.12
C LEU A 16 -0.51 -4.97 -14.61
N LEU A 17 -0.72 -6.17 -14.07
CA LEU A 17 -0.79 -6.33 -12.62
C LEU A 17 0.53 -5.96 -11.98
N LEU A 18 1.63 -6.49 -12.50
CA LEU A 18 2.95 -6.17 -11.96
C LEU A 18 3.30 -4.71 -12.21
N SER A 19 3.05 -4.21 -13.43
CA SER A 19 3.43 -2.85 -13.78
C SER A 19 2.74 -1.82 -12.89
N LEU A 20 1.57 -2.14 -12.36
CA LEU A 20 0.83 -1.23 -11.52
C LEU A 20 0.90 -1.59 -10.04
N LYS A 21 1.37 -2.79 -9.71
CA LYS A 21 1.34 -3.32 -8.34
C LYS A 21 -0.10 -3.37 -7.81
N LEU A 22 -0.99 -3.96 -8.62
CA LEU A 22 -2.41 -4.06 -8.28
C LEU A 22 -2.68 -5.33 -7.48
N SER A 23 -3.55 -5.22 -6.49
CA SER A 23 -3.91 -6.39 -5.72
C SER A 23 -4.99 -7.20 -6.44
N LYS A 24 -5.12 -8.46 -6.03
CA LYS A 24 -6.15 -9.33 -6.60
C LYS A 24 -7.50 -8.64 -6.59
N TRP A 25 -7.86 -8.04 -5.46
CA TRP A 25 -9.19 -7.47 -5.31
C TRP A 25 -9.29 -6.07 -5.91
N GLN A 26 -8.18 -5.40 -6.13
CA GLN A 26 -8.21 -4.17 -6.92
C GLN A 26 -8.48 -4.50 -8.39
N TYR A 27 -7.94 -5.61 -8.88
CA TYR A 27 -8.14 -5.99 -10.27
C TYR A 27 -9.54 -6.52 -10.51
N ILE A 28 -10.08 -7.28 -9.56
CA ILE A 28 -11.46 -7.74 -9.68
C ILE A 28 -12.42 -6.56 -9.65
N THR A 29 -12.23 -5.66 -8.69
CA THR A 29 -13.08 -4.47 -8.64
C THR A 29 -12.83 -3.57 -9.84
N LEU A 30 -11.59 -3.47 -10.31
CA LEU A 30 -11.33 -2.74 -11.55
C LEU A 30 -12.13 -3.33 -12.70
N ARG A 31 -12.16 -4.66 -12.80
CA ARG A 31 -12.93 -5.32 -13.85
C ARG A 31 -14.42 -5.02 -13.69
N GLU A 32 -15.00 -5.43 -12.56
CA GLU A 32 -16.43 -5.22 -12.32
C GLU A 32 -16.83 -3.76 -12.58
N THR A 33 -16.10 -2.82 -11.99
CA THR A 33 -16.47 -1.41 -12.17
C THR A 33 -16.31 -0.97 -13.62
N THR A 34 -15.36 -1.54 -14.37
CA THR A 34 -15.22 -1.16 -15.76
C THR A 34 -16.28 -1.81 -16.64
N ILE A 35 -16.80 -2.98 -16.22
CA ILE A 35 -17.91 -3.59 -16.95
C ILE A 35 -19.17 -2.79 -16.74
N ARG A 36 -19.50 -2.49 -15.48
CA ARG A 36 -20.71 -1.77 -15.13
C ARG A 36 -20.84 -0.42 -15.84
N GLU A 37 -19.77 0.06 -16.47
CA GLU A 37 -19.83 1.26 -17.30
C GLU A 37 -19.81 0.93 -18.78
N GLY A 38 -19.99 -0.35 -19.13
CA GLY A 38 -20.27 -0.73 -20.50
C GLY A 38 -19.11 -1.14 -21.39
N SER A 39 -18.14 -1.91 -20.89
CA SER A 39 -17.03 -2.34 -21.75
C SER A 39 -16.33 -3.55 -21.13
N LYS A 40 -16.44 -4.68 -21.81
CA LYS A 40 -15.80 -5.90 -21.33
C LYS A 40 -14.72 -6.51 -22.22
N GLU A 41 -14.20 -5.82 -23.26
CA GLU A 41 -13.18 -6.51 -24.01
C GLU A 41 -11.81 -6.24 -23.41
N ILE A 42 -11.76 -5.53 -22.28
CA ILE A 42 -10.54 -4.99 -21.70
C ILE A 42 -9.82 -6.05 -20.87
N TYR A 43 -10.43 -6.47 -19.77
CA TYR A 43 -9.65 -7.24 -18.82
C TYR A 43 -10.19 -8.66 -18.69
N PRO A 44 -9.32 -9.66 -18.63
CA PRO A 44 -9.78 -11.04 -18.40
C PRO A 44 -10.23 -11.25 -16.97
N SER A 45 -10.76 -12.43 -16.68
CA SER A 45 -11.11 -12.76 -15.31
C SER A 45 -9.85 -13.05 -14.52
N TYR A 46 -9.92 -12.80 -13.21
CA TYR A 46 -8.77 -13.12 -12.37
C TYR A 46 -8.52 -14.62 -12.32
N TYR A 47 -9.56 -15.42 -12.57
CA TYR A 47 -9.37 -16.87 -12.69
C TYR A 47 -8.40 -17.19 -13.82
N LYS A 48 -8.54 -16.51 -14.96
CA LYS A 48 -7.59 -16.69 -16.06
C LYS A 48 -6.21 -16.15 -15.72
N VAL A 49 -6.14 -15.06 -14.95
CA VAL A 49 -4.85 -14.51 -14.56
C VAL A 49 -4.15 -15.43 -13.58
N GLN A 50 -4.88 -15.96 -12.60
CA GLN A 50 -4.27 -16.87 -11.63
C GLN A 50 -3.72 -18.11 -12.32
N LYS A 51 -4.41 -18.59 -13.37
CA LYS A 51 -3.88 -19.71 -14.14
C LYS A 51 -2.60 -19.34 -14.87
N ALA A 52 -2.56 -18.13 -15.43
CA ALA A 52 -1.33 -17.67 -16.09
C ALA A 52 -0.17 -17.59 -15.12
N LYS A 53 -0.45 -17.18 -13.87
CA LYS A 53 0.59 -17.20 -12.84
C LYS A 53 1.08 -18.61 -12.58
N LEU A 54 0.16 -19.57 -12.44
CA LEU A 54 0.54 -20.96 -12.19
C LEU A 54 1.43 -21.51 -13.29
N GLN A 55 1.27 -21.03 -14.52
CA GLN A 55 2.07 -21.55 -15.63
C GLN A 55 3.52 -21.08 -15.55
N CYS A 56 3.81 -20.04 -14.78
CA CYS A 56 5.20 -19.62 -14.62
C CYS A 56 5.95 -20.45 -13.59
N TYR A 57 5.23 -21.07 -12.66
CA TYR A 57 5.89 -21.75 -11.56
C TYR A 57 6.50 -23.07 -12.03
N PRO A 58 7.65 -23.46 -11.50
CA PRO A 58 8.18 -24.80 -11.72
C PRO A 58 7.46 -25.81 -10.85
N PRO A 59 7.70 -27.11 -11.06
CA PRO A 59 6.97 -28.12 -10.28
C PRO A 59 7.25 -28.01 -8.79
N LYS A 60 6.19 -28.19 -8.00
CA LYS A 60 6.26 -28.08 -6.55
C LYS A 60 7.26 -29.03 -5.92
N ALA A 61 7.68 -30.07 -6.64
CA ALA A 61 8.61 -31.05 -6.10
C ALA A 61 10.07 -30.62 -6.19
N PHE A 62 10.34 -29.41 -6.69
CA PHE A 62 11.71 -28.92 -6.86
C PHE A 62 11.92 -27.55 -6.23
N VAL A 63 11.12 -27.19 -5.23
CA VAL A 63 11.08 -25.85 -4.66
C VAL A 63 11.06 -25.98 -3.13
N ALA A 64 12.12 -25.49 -2.48
CA ALA A 64 12.37 -25.69 -1.05
C ALA A 64 12.35 -24.34 -0.33
N VAL A 65 11.26 -24.07 0.39
CA VAL A 65 11.07 -22.82 1.13
C VAL A 65 11.10 -23.11 2.62
N THR A 66 12.17 -22.66 3.29
CA THR A 66 12.31 -22.79 4.73
C THR A 66 11.82 -21.50 5.41
N ASP A 67 11.89 -21.47 6.74
CA ASP A 67 11.78 -20.20 7.44
C ASP A 67 13.03 -19.34 7.25
N SER A 68 14.07 -19.90 6.63
CA SER A 68 15.34 -19.23 6.42
C SER A 68 15.61 -18.96 4.94
N SER A 69 15.62 -20.01 4.10
CA SER A 69 16.11 -19.92 2.73
C SER A 69 15.00 -20.30 1.74
N ALA A 70 15.38 -20.31 0.46
CA ALA A 70 14.51 -20.71 -0.63
C ALA A 70 15.38 -21.18 -1.78
N LYS A 71 15.03 -22.32 -2.39
CA LYS A 71 15.88 -22.95 -3.39
C LYS A 71 15.03 -23.60 -4.46
N ILE A 72 15.45 -23.40 -5.72
CA ILE A 72 14.90 -24.14 -6.86
C ILE A 72 16.02 -25.02 -7.41
N ALA A 73 15.66 -26.23 -7.83
CA ALA A 73 16.63 -27.07 -8.52
C ALA A 73 16.95 -26.47 -9.87
N LEU A 74 18.25 -26.39 -10.19
CA LEU A 74 18.67 -25.68 -11.39
C LEU A 74 18.22 -26.39 -12.65
N GLN A 75 18.13 -27.72 -12.63
CA GLN A 75 17.54 -28.44 -13.74
C GLN A 75 16.10 -27.98 -13.99
N ALA A 76 15.28 -27.95 -12.95
CA ALA A 76 13.89 -27.55 -13.09
C ALA A 76 13.74 -26.12 -13.60
N LEU A 77 14.65 -25.23 -13.22
CA LEU A 77 14.49 -23.83 -13.62
C LEU A 77 14.82 -23.62 -15.08
N LEU A 78 15.92 -24.22 -15.54
CA LEU A 78 16.30 -24.09 -16.96
C LEU A 78 15.21 -24.66 -17.86
N ASP A 79 14.76 -25.87 -17.58
CA ASP A 79 13.69 -26.49 -18.36
C ASP A 79 12.44 -25.62 -18.38
N LEU A 80 12.08 -25.03 -17.23
CA LEU A 80 10.95 -24.11 -17.18
C LEU A 80 11.15 -22.93 -18.12
N THR A 81 12.36 -22.35 -18.11
CA THR A 81 12.62 -21.17 -18.94
C THR A 81 12.55 -21.51 -20.42
N VAL A 82 13.20 -22.61 -20.82
CA VAL A 82 13.19 -23.04 -22.22
C VAL A 82 11.77 -23.09 -22.76
N ASN A 83 10.86 -23.70 -22.01
CA ASN A 83 9.48 -23.80 -22.46
C ASN A 83 8.87 -22.41 -22.67
N ARG A 84 9.07 -21.50 -21.72
CA ARG A 84 8.48 -20.17 -21.83
C ARG A 84 9.17 -19.32 -22.89
N ILE A 85 10.41 -19.64 -23.25
CA ILE A 85 11.07 -18.92 -24.33
C ILE A 85 10.46 -19.31 -25.68
N PHE A 86 10.16 -20.59 -25.87
CA PHE A 86 9.59 -21.04 -27.13
C PHE A 86 8.24 -20.38 -27.41
N GLU A 87 7.46 -20.16 -26.36
CA GLU A 87 6.15 -19.52 -26.51
C GLU A 87 6.24 -18.05 -26.88
N THR A 88 7.45 -17.51 -27.06
CA THR A 88 7.64 -16.13 -27.50
C THR A 88 8.30 -16.04 -28.86
N ILE A 89 8.81 -17.15 -29.41
CA ILE A 89 9.38 -17.15 -30.74
C ILE A 89 8.24 -17.05 -31.76
N ARG A 90 8.48 -16.29 -32.84
CA ARG A 90 7.44 -16.06 -33.84
C ARG A 90 6.93 -17.36 -34.44
N SER A 91 7.84 -18.15 -35.02
CA SER A 91 7.49 -19.42 -35.64
C SER A 91 8.48 -20.46 -35.14
N PRO A 92 8.20 -21.10 -34.00
CA PRO A 92 9.12 -22.10 -33.46
C PRO A 92 9.14 -23.40 -34.24
N ASP A 93 9.30 -23.30 -35.56
CA ASP A 93 9.51 -24.47 -36.42
C ASP A 93 10.96 -24.56 -36.86
N ALA A 94 11.87 -24.39 -35.90
CA ALA A 94 13.30 -24.39 -36.18
C ALA A 94 13.73 -25.73 -36.78
N ILE A 95 14.85 -25.70 -37.49
CA ILE A 95 15.28 -26.86 -38.29
C ILE A 95 16.14 -27.82 -37.48
N GLN A 96 17.11 -27.30 -36.72
CA GLN A 96 17.97 -28.14 -35.90
C GLN A 96 17.25 -28.50 -34.61
N ASN A 97 16.82 -29.74 -34.50
CA ASN A 97 16.27 -30.24 -33.24
C ASN A 97 17.19 -31.25 -32.59
N LYS A 98 18.21 -31.73 -33.31
CA LYS A 98 19.21 -32.59 -32.70
C LYS A 98 19.95 -31.85 -31.58
N GLN A 99 20.25 -30.57 -31.79
CA GLN A 99 20.92 -29.79 -30.76
C GLN A 99 20.56 -28.32 -30.87
N LEU A 100 20.11 -27.75 -29.75
CA LEU A 100 19.97 -26.31 -29.59
C LEU A 100 20.90 -25.87 -28.46
N ILE A 101 21.48 -24.69 -28.61
CA ILE A 101 22.41 -24.15 -27.62
C ILE A 101 21.73 -22.96 -26.96
N LEU A 102 21.44 -23.10 -25.67
CA LEU A 102 20.97 -21.98 -24.84
C LEU A 102 22.13 -21.49 -24.00
N ILE A 103 22.55 -20.25 -24.26
CA ILE A 103 23.68 -19.64 -23.57
C ILE A 103 23.12 -18.81 -22.42
N SER A 104 23.57 -19.11 -21.19
CA SER A 104 23.00 -18.48 -20.01
C SER A 104 24.09 -17.91 -19.12
N LYS A 105 23.67 -17.01 -18.24
CA LYS A 105 24.53 -16.22 -17.38
C LYS A 105 24.10 -16.47 -15.92
N TRP A 106 25.07 -16.52 -15.00
CA TRP A 106 24.70 -16.69 -13.60
C TRP A 106 25.71 -16.05 -12.68
N GLY A 107 25.34 -15.93 -11.40
CA GLY A 107 26.17 -15.29 -10.40
C GLY A 107 25.40 -15.14 -9.11
N PHE A 108 25.94 -14.32 -8.21
CA PHE A 108 25.25 -14.07 -6.94
C PHE A 108 25.77 -12.78 -6.31
N ASP A 109 24.94 -12.22 -5.42
CA ASP A 109 25.27 -10.98 -4.74
C ASP A 109 24.39 -10.88 -3.49
N GLY A 110 24.76 -9.98 -2.59
CA GLY A 110 24.02 -9.78 -1.36
C GLY A 110 23.75 -8.31 -1.08
N ALA A 111 22.63 -8.07 -0.39
CA ALA A 111 22.21 -6.72 -0.04
C ALA A 111 21.74 -6.67 1.41
N SER A 112 21.83 -5.48 2.01
CA SER A 112 21.38 -5.24 3.37
C SER A 112 20.11 -4.40 3.36
N ASN A 113 19.49 -4.29 4.55
CA ASN A 113 18.23 -3.56 4.67
C ASN A 113 18.06 -3.14 6.12
N GLN A 114 17.34 -2.04 6.31
CA GLN A 114 16.97 -1.56 7.64
C GLN A 114 15.52 -1.09 7.61
N SER A 115 14.74 -1.52 8.60
CA SER A 115 13.33 -1.13 8.73
C SER A 115 13.26 0.04 9.70
N ARG A 116 13.41 1.26 9.16
CA ARG A 116 13.48 2.50 9.94
C ARG A 116 14.68 2.34 10.88
N TYR A 117 14.53 2.56 12.19
CA TYR A 117 15.56 2.22 13.15
C TYR A 117 14.88 1.63 14.38
N LYS A 118 15.16 0.35 14.65
CA LYS A 118 14.50 -0.40 15.73
C LYS A 118 15.53 -1.33 16.35
N GLN A 119 16.20 -0.85 17.40
CA GLN A 119 17.20 -1.62 18.13
C GLN A 119 16.64 -1.95 19.51
N ASN A 120 16.75 -3.24 19.88
CA ASN A 120 16.18 -3.81 21.10
C ASN A 120 14.66 -3.89 21.06
N ILE A 121 14.06 -3.39 19.99
CA ILE A 121 12.61 -3.46 19.78
C ILE A 121 12.40 -3.89 18.34
N GLU A 122 12.20 -5.19 18.14
CA GLU A 122 12.13 -5.79 16.80
C GLU A 122 10.71 -5.70 16.24
N SER A 123 10.60 -5.18 15.03
CA SER A 123 9.33 -5.09 14.33
C SER A 123 9.09 -6.32 13.47
N GLY A 124 9.23 -7.51 14.06
CA GLY A 124 9.03 -8.73 13.31
C GLY A 124 10.30 -9.55 13.22
N GLN A 125 10.22 -10.59 12.40
CA GLN A 125 11.29 -11.55 12.19
C GLN A 125 11.90 -11.40 10.80
N GLY A 126 13.16 -11.78 10.70
CA GLY A 126 13.96 -11.67 9.48
C GLY A 126 15.27 -10.95 9.76
N ASP A 127 16.36 -11.52 9.22
CA ASP A 127 17.71 -11.02 9.42
C ASP A 127 18.03 -9.74 8.66
N SER A 128 17.12 -9.23 7.83
CA SER A 128 17.32 -7.97 7.10
C SER A 128 18.59 -8.01 6.25
N SER A 129 18.99 -9.20 5.81
CA SER A 129 20.18 -9.34 4.95
C SER A 129 20.01 -10.58 4.10
N ILE A 130 19.97 -10.38 2.78
CA ILE A 130 19.57 -11.40 1.82
C ILE A 130 20.75 -11.73 0.92
N PHE A 131 20.81 -12.98 0.48
CA PHE A 131 21.89 -13.46 -0.38
C PHE A 131 21.28 -14.31 -1.49
N MET A 132 21.32 -13.82 -2.72
CA MET A 132 20.57 -14.37 -3.83
C MET A 132 21.47 -14.81 -4.98
N THR A 133 21.20 -15.99 -5.51
CA THR A 133 21.91 -16.53 -6.67
C THR A 133 20.95 -16.58 -7.86
N SER A 134 21.35 -15.96 -8.97
CA SER A 134 20.45 -15.71 -10.08
C SER A 134 21.04 -16.20 -11.40
N LEU A 135 20.15 -16.41 -12.38
CA LEU A 135 20.53 -16.87 -13.71
C LEU A 135 19.80 -16.07 -14.79
N VAL A 136 20.49 -15.81 -15.89
CA VAL A 136 19.94 -15.06 -17.02
C VAL A 136 20.20 -15.79 -18.33
N PRO A 137 19.18 -16.04 -19.15
CA PRO A 137 19.42 -16.63 -20.48
C PRO A 137 19.77 -15.56 -21.51
N LEU A 138 20.68 -15.90 -22.41
CA LEU A 138 21.25 -14.92 -23.34
C LEU A 138 20.89 -15.22 -24.80
N LYS A 139 21.46 -16.28 -25.38
CA LYS A 139 21.28 -16.57 -26.80
C LYS A 139 20.75 -17.98 -26.98
N LEU A 140 19.94 -18.15 -28.02
CA LEU A 140 19.50 -19.47 -28.49
C LEU A 140 20.13 -19.69 -29.86
N THR A 141 21.03 -20.67 -29.93
CA THR A 141 21.84 -20.91 -31.12
C THR A 141 21.48 -22.25 -31.74
N ALA A 142 21.22 -22.26 -33.05
CA ALA A 142 21.03 -23.48 -33.83
C ALA A 142 22.06 -23.49 -34.95
N ASP A 143 23.00 -24.44 -34.88
CA ASP A 143 24.06 -24.60 -35.89
C ASP A 143 24.88 -23.33 -36.07
N GLY A 144 24.90 -22.45 -35.07
CA GLY A 144 25.66 -21.23 -35.12
C GLY A 144 24.90 -19.96 -35.42
N ASP A 145 23.57 -20.02 -35.52
CA ASP A 145 22.76 -18.85 -35.84
C ASP A 145 21.83 -18.52 -34.69
N THR A 146 21.48 -17.24 -34.58
CA THR A 146 20.57 -16.78 -33.54
C THR A 146 19.14 -17.16 -33.92
N VAL A 147 18.46 -17.89 -33.03
CA VAL A 147 17.06 -18.23 -33.21
C VAL A 147 16.16 -17.33 -32.38
N TRP A 148 16.43 -17.27 -31.08
CA TRP A 148 15.83 -16.31 -30.17
C TRP A 148 16.96 -15.67 -29.37
N VAL A 149 16.78 -14.41 -29.00
CA VAL A 149 17.80 -13.68 -28.24
C VAL A 149 17.12 -12.81 -27.20
N ASN A 150 17.75 -12.72 -26.03
CA ASN A 150 17.26 -11.91 -24.92
C ASN A 150 17.26 -10.43 -25.30
N PRO A 151 16.10 -9.75 -25.28
CA PRO A 151 16.09 -8.32 -25.63
C PRO A 151 16.65 -7.42 -24.54
N LYS A 152 16.77 -7.91 -23.32
CA LYS A 152 17.23 -7.11 -22.18
C LYS A 152 18.16 -7.97 -21.34
N PRO A 153 19.40 -8.16 -21.79
CA PRO A 153 20.29 -9.14 -21.14
C PRO A 153 20.66 -8.78 -19.71
N CYS A 154 20.42 -7.55 -19.26
CA CYS A 154 20.76 -7.15 -17.90
C CYS A 154 19.56 -6.62 -17.13
N SER A 155 18.35 -6.75 -17.66
CA SER A 155 17.18 -6.31 -16.91
C SER A 155 16.77 -7.39 -15.91
N PRO A 156 16.29 -6.99 -14.72
CA PRO A 156 15.70 -7.99 -13.81
C PRO A 156 14.54 -8.77 -14.40
N MET A 157 14.00 -8.34 -15.55
CA MET A 157 12.89 -9.07 -16.17
C MET A 157 13.29 -10.45 -16.67
N TYR A 158 14.59 -10.72 -16.79
CA TYR A 158 15.10 -12.03 -17.17
C TYR A 158 16.13 -12.53 -16.16
N CYS A 159 16.01 -12.12 -14.90
CA CYS A 159 16.96 -12.50 -13.87
C CYS A 159 16.33 -13.58 -13.00
N ARG A 160 16.43 -14.81 -13.48
CA ARG A 160 15.76 -15.95 -12.83
C ARG A 160 16.35 -16.22 -11.45
N PRO A 161 15.52 -16.41 -10.43
CA PRO A 161 16.05 -16.74 -9.10
C PRO A 161 16.27 -18.24 -8.95
N VAL A 162 17.42 -18.60 -8.38
CA VAL A 162 17.78 -19.98 -8.13
C VAL A 162 17.72 -20.32 -6.64
N GLN A 163 18.41 -19.53 -5.81
CA GLN A 163 18.47 -19.82 -4.38
C GLN A 163 18.82 -18.55 -3.65
N PHE A 164 17.94 -18.10 -2.75
CA PHE A 164 18.21 -16.94 -1.90
C PHE A 164 17.96 -17.30 -0.44
N SER A 165 18.97 -17.11 0.40
CA SER A 165 18.86 -17.29 1.85
C SER A 165 19.09 -15.96 2.53
N PHE A 166 18.48 -15.79 3.71
CA PHE A 166 18.59 -14.54 4.44
C PHE A 166 19.79 -14.60 5.38
N VAL A 167 20.96 -14.64 4.76
CA VAL A 167 22.24 -14.79 5.44
C VAL A 167 23.18 -13.70 4.94
N LYS A 168 24.09 -13.27 5.81
CA LYS A 168 25.10 -12.30 5.44
C LYS A 168 26.16 -12.95 4.54
N GLU A 169 26.69 -12.14 3.62
CA GLU A 169 27.56 -12.64 2.55
C GLU A 169 28.98 -12.84 3.07
N THR A 170 29.22 -14.02 3.64
CA THR A 170 30.53 -14.40 4.13
C THR A 170 31.41 -14.87 2.97
N LYS A 171 32.73 -14.77 3.16
CA LYS A 171 33.66 -15.43 2.26
C LYS A 171 33.37 -16.92 2.14
N ASP A 172 32.90 -17.53 3.21
CA ASP A 172 32.59 -18.96 3.20
C ASP A 172 31.35 -19.24 2.36
N VAL A 173 30.25 -18.53 2.63
CA VAL A 173 29.00 -18.84 1.95
C VAL A 173 29.10 -18.58 0.45
N VAL A 174 30.07 -17.75 0.03
CA VAL A 174 30.34 -17.60 -1.39
C VAL A 174 30.90 -18.89 -1.96
N ILE A 175 32.00 -19.39 -1.37
CA ILE A 175 32.58 -20.66 -1.80
C ILE A 175 31.56 -21.78 -1.65
N ASN A 176 30.78 -21.76 -0.56
CA ASN A 176 29.73 -22.74 -0.38
C ASN A 176 28.74 -22.72 -1.54
N GLU A 177 28.37 -21.53 -2.00
CA GLU A 177 27.40 -21.45 -3.09
C GLU A 177 28.01 -21.78 -4.44
N LYS A 178 29.30 -21.49 -4.64
CA LYS A 178 29.92 -21.81 -5.92
C LYS A 178 29.97 -23.32 -6.13
N THR A 179 30.48 -24.06 -5.14
CA THR A 179 30.56 -25.51 -5.27
C THR A 179 29.18 -26.14 -5.25
N ALA A 180 28.24 -25.57 -4.50
CA ALA A 180 26.87 -26.06 -4.53
C ALA A 180 26.22 -25.85 -5.90
N MET A 181 26.62 -24.80 -6.62
CA MET A 181 26.11 -24.61 -7.97
C MET A 181 26.90 -25.41 -9.00
N ASP A 182 28.24 -25.33 -8.93
CA ASP A 182 29.07 -26.03 -9.91
C ASP A 182 28.76 -27.52 -9.96
N ASP A 183 28.43 -28.13 -8.81
CA ASP A 183 28.14 -29.55 -8.80
C ASP A 183 26.85 -29.86 -9.54
N GLU A 184 25.75 -29.15 -9.22
CA GLU A 184 24.52 -29.36 -9.97
C GLU A 184 24.64 -28.85 -11.40
N ILE A 185 25.65 -28.04 -11.70
CA ILE A 185 25.95 -27.69 -13.10
C ILE A 185 26.72 -28.82 -13.77
N GLU A 186 27.89 -29.16 -13.20
CA GLU A 186 28.77 -30.18 -13.77
C GLU A 186 28.10 -31.54 -13.89
N ALA A 187 27.01 -31.78 -13.14
CA ALA A 187 26.38 -33.10 -13.18
C ALA A 187 25.39 -33.22 -14.33
N LEU A 188 24.30 -32.45 -14.29
CA LEU A 188 23.21 -32.60 -15.24
C LEU A 188 23.13 -31.39 -16.15
N VAL A 189 23.10 -31.64 -17.46
CA VAL A 189 23.04 -30.57 -18.47
C VAL A 189 22.23 -30.91 -19.72
N PRO A 190 21.03 -31.54 -19.63
CA PRO A 190 20.18 -31.61 -20.83
C PRO A 190 18.83 -30.92 -20.64
N SER A 191 18.03 -30.87 -21.71
CA SER A 191 16.71 -30.26 -21.68
C SER A 191 15.96 -30.65 -22.94
N LYS A 192 14.63 -30.62 -22.87
CA LYS A 192 13.77 -31.01 -23.98
C LYS A 192 12.55 -30.09 -24.05
N CYS A 193 12.18 -29.71 -25.27
CA CYS A 193 10.97 -28.90 -25.51
C CYS A 193 10.63 -28.79 -26.99
N GLN A 194 9.35 -29.05 -27.32
CA GLN A 194 8.81 -28.81 -28.65
C GLN A 194 9.62 -29.52 -29.73
N GLY A 195 10.00 -30.77 -29.44
CA GLY A 195 10.74 -31.59 -30.36
C GLY A 195 12.22 -31.26 -30.47
N HIS A 196 12.63 -30.07 -30.09
CA HIS A 196 14.04 -29.70 -30.10
C HIS A 196 14.69 -30.10 -28.78
N GLU A 197 15.99 -30.39 -28.85
CA GLU A 197 16.76 -30.77 -27.67
C GLU A 197 17.80 -29.69 -27.40
N ILE A 198 17.82 -29.18 -26.17
CA ILE A 198 18.55 -27.98 -25.81
C ILE A 198 19.57 -28.31 -24.73
N SER A 199 20.85 -28.13 -25.05
CA SER A 199 21.90 -28.20 -24.06
C SER A 199 22.16 -26.81 -23.48
N HIS A 200 22.81 -26.79 -22.31
CA HIS A 200 23.01 -25.56 -21.56
C HIS A 200 24.49 -25.31 -21.34
N LYS A 201 24.93 -24.09 -21.66
CA LYS A 201 26.27 -23.61 -21.36
C LYS A 201 26.12 -22.39 -20.45
N LEU A 202 26.60 -22.52 -19.21
CA LEU A 202 26.46 -21.47 -18.21
C LEU A 202 27.79 -20.76 -18.01
N MET A 203 27.72 -19.45 -17.80
CA MET A 203 28.89 -18.63 -17.52
C MET A 203 28.67 -17.88 -16.22
N MET A 204 29.62 -18.00 -15.30
CA MET A 204 29.56 -17.27 -14.03
C MET A 204 30.26 -15.93 -14.24
N THR A 205 29.50 -14.97 -14.76
CA THR A 205 30.02 -13.63 -15.01
C THR A 205 29.34 -12.56 -14.17
N MET A 206 28.21 -12.85 -13.53
CA MET A 206 27.55 -11.89 -12.64
C MET A 206 28.26 -11.91 -11.29
N ILE A 207 29.46 -11.33 -11.27
CA ILE A 207 30.39 -11.40 -10.15
C ILE A 207 31.12 -10.06 -10.07
N ASP A 208 31.36 -9.58 -8.85
CA ASP A 208 32.10 -8.35 -8.64
C ASP A 208 33.55 -8.67 -8.26
N GLY A 209 34.30 -7.64 -7.88
CA GLY A 209 35.71 -7.83 -7.61
C GLY A 209 36.00 -8.67 -6.38
N LYS A 210 35.25 -8.44 -5.29
CA LYS A 210 35.57 -9.13 -4.04
C LYS A 210 35.31 -10.63 -4.12
N ILE A 211 34.27 -11.04 -4.85
CA ILE A 211 33.99 -12.47 -4.99
C ILE A 211 35.12 -13.16 -5.75
N CYS A 212 35.78 -12.45 -6.67
CA CYS A 212 36.80 -13.08 -7.50
C CYS A 212 38.02 -13.44 -6.68
N THR A 213 38.44 -12.56 -5.76
CA THR A 213 39.58 -12.87 -4.89
C THR A 213 39.30 -14.06 -4.00
N TYR A 214 38.03 -14.25 -3.60
CA TYR A 214 37.68 -15.43 -2.82
C TYR A 214 37.96 -16.71 -3.58
N LEU A 215 37.44 -16.80 -4.81
CA LEU A 215 37.47 -18.02 -5.60
C LEU A 215 38.86 -18.42 -6.07
N SER A 216 39.86 -17.57 -5.85
CA SER A 216 41.20 -17.84 -6.35
C SER A 216 42.28 -17.78 -5.27
N GLU A 217 41.91 -17.58 -4.02
CA GLU A 217 42.82 -17.53 -2.87
C GLU A 217 43.79 -16.37 -2.94
N ALA A 218 43.57 -15.40 -3.83
CA ALA A 218 44.50 -14.29 -4.01
C ALA A 218 43.96 -12.99 -3.43
N ALA A 223 43.20 -2.56 -14.34
CA ALA A 223 44.29 -1.64 -14.64
C ALA A 223 44.05 -1.10 -16.05
N CYS A 224 44.19 0.22 -16.22
CA CYS A 224 43.55 0.90 -17.35
C CYS A 224 44.14 0.52 -18.70
N TYR A 225 45.45 0.29 -18.77
CA TYR A 225 46.29 0.37 -19.98
C TYR A 225 46.74 1.81 -20.16
N LEU A 226 46.52 2.62 -19.12
CA LEU A 226 46.65 4.08 -19.08
C LEU A 226 45.49 4.79 -19.74
N CYS A 227 44.38 4.09 -19.97
CA CYS A 227 43.12 4.68 -20.41
C CYS A 227 43.29 5.29 -21.81
N LEU A 228 43.12 4.49 -22.86
CA LEU A 228 43.34 4.96 -24.22
C LEU A 228 42.04 5.38 -24.88
N ALA A 229 42.04 6.56 -25.50
CA ALA A 229 41.16 6.83 -26.61
C ALA A 229 41.98 6.55 -27.88
N LYS A 230 41.86 7.40 -28.89
CA LYS A 230 42.83 7.43 -30.00
C LYS A 230 42.62 8.61 -30.94
N GLU A 251 37.37 -2.01 -15.16
CA GLU A 251 36.46 -2.90 -15.86
C GLU A 251 36.25 -4.21 -15.10
N PHE A 252 35.00 -4.48 -14.76
CA PHE A 252 34.57 -5.72 -14.13
C PHE A 252 33.05 -5.70 -14.09
N GLY A 253 32.45 -6.65 -13.37
CA GLY A 253 31.01 -6.68 -13.23
C GLY A 253 30.47 -5.51 -12.42
N LEU A 254 29.86 -4.54 -13.10
CA LEU A 254 29.36 -3.34 -12.44
C LEU A 254 28.00 -3.64 -11.81
N SER A 255 27.94 -3.60 -10.48
CA SER A 255 26.70 -3.83 -9.77
C SER A 255 25.88 -2.55 -9.69
N THR A 256 24.60 -2.64 -10.06
CA THR A 256 23.72 -1.47 -9.95
C THR A 256 23.63 -0.99 -8.50
N LEU A 257 23.59 -1.93 -7.55
CA LEU A 257 23.58 -1.58 -6.14
C LEU A 257 24.90 -0.92 -5.74
N HIS A 258 26.02 -1.50 -6.16
CA HIS A 258 27.32 -0.96 -5.80
C HIS A 258 27.53 0.41 -6.41
N ALA A 259 27.02 0.64 -7.61
CA ALA A 259 27.21 1.94 -8.25
C ALA A 259 26.40 3.01 -7.54
N ARG A 260 25.16 2.69 -7.16
CA ARG A 260 24.28 3.67 -6.55
C ARG A 260 24.77 4.08 -5.15
N ILE A 261 25.38 3.16 -4.42
CA ILE A 261 25.80 3.47 -3.05
C ILE A 261 27.14 4.20 -3.05
N ASN A 262 28.13 3.66 -3.76
CA ASN A 262 29.47 4.23 -3.75
C ASN A 262 29.55 5.59 -4.43
N VAL A 263 28.53 5.99 -5.18
CA VAL A 263 28.50 7.34 -5.71
C VAL A 263 27.87 8.31 -4.71
N MET A 264 26.80 7.88 -4.05
CA MET A 264 26.27 8.67 -2.93
C MET A 264 27.37 8.96 -1.93
N GLU A 265 28.11 7.92 -1.53
CA GLU A 265 29.17 8.11 -0.55
C GLU A 265 30.25 9.04 -1.07
N CYS A 266 30.58 8.95 -2.36
CA CYS A 266 31.56 9.86 -2.93
C CYS A 266 31.07 11.30 -2.88
N LEU A 267 29.77 11.49 -3.14
CA LEU A 267 29.22 12.85 -3.10
C LEU A 267 29.16 13.37 -1.67
N LEU A 268 28.78 12.50 -0.72
CA LEU A 268 28.75 12.91 0.68
C LEU A 268 30.14 13.32 1.17
N HIS A 269 31.16 12.52 0.83
CA HIS A 269 32.51 12.83 1.27
C HIS A 269 32.98 14.18 0.76
N ILE A 270 32.59 14.54 -0.46
CA ILE A 270 32.89 15.87 -0.98
C ILE A 270 32.16 16.93 -0.18
N ALA A 271 30.91 16.65 0.22
CA ALA A 271 30.11 17.64 0.92
C ALA A 271 30.71 17.97 2.29
N TYR A 272 31.23 16.96 2.98
CA TYR A 272 31.80 17.18 4.30
C TYR A 272 33.05 18.06 4.24
N ARG A 273 33.77 18.06 3.15
CA ARG A 273 34.98 18.82 3.02
C ARG A 273 34.89 20.13 2.31
N LEU A 274 33.69 20.62 2.15
CA LEU A 274 33.51 21.88 1.43
C LEU A 274 34.12 23.07 2.17
N ASP A 275 34.38 22.94 3.48
CA ASP A 275 34.90 24.09 4.22
C ASP A 275 36.35 24.38 3.87
N PHE A 276 37.14 23.35 3.56
CA PHE A 276 38.54 23.52 3.18
C PHE A 276 38.86 23.01 1.79
N LYS A 277 37.99 22.21 1.18
CA LYS A 277 38.11 21.82 -0.24
C LYS A 277 39.43 21.10 -0.52
N LYS A 278 39.72 20.10 0.30
CA LYS A 278 40.91 19.26 0.12
C LYS A 278 40.52 17.81 0.29
N TRP A 279 41.19 16.93 -0.46
CA TRP A 279 40.84 15.51 -0.40
C TRP A 279 41.16 14.92 0.95
N SER A 280 42.38 15.12 1.43
CA SER A 280 42.79 14.60 2.73
C SER A 280 42.36 15.56 3.83
N ALA A 281 41.55 15.07 4.77
CA ALA A 281 41.22 15.85 5.95
C ALA A 281 42.32 15.82 7.01
N ARG A 282 43.54 15.40 6.65
CA ARG A 282 44.59 15.20 7.64
C ARG A 282 45.23 16.48 8.12
N GLY A 283 44.91 17.61 7.51
CA GLY A 283 45.58 18.86 7.84
C GLY A 283 45.03 19.54 9.07
N GLU A 284 45.77 20.56 9.50
CA GLU A 284 45.52 21.25 10.77
C GLU A 284 44.12 21.84 10.83
N GLY A 285 43.27 21.25 11.68
CA GLY A 285 41.93 21.72 11.93
C GLY A 285 40.92 21.41 10.85
N HIS A 286 41.33 20.69 9.80
CA HIS A 286 40.36 20.25 8.79
C HIS A 286 39.43 19.19 9.35
N GLN A 287 40.01 18.13 9.91
CA GLN A 287 39.21 17.11 10.60
C GLN A 287 38.25 17.72 11.60
N GLU A 288 38.62 18.85 12.19
CA GLU A 288 37.78 19.47 13.21
C GLU A 288 36.45 19.93 12.61
N LEU A 289 36.48 20.48 11.41
CA LEU A 289 35.27 20.98 10.78
C LEU A 289 34.65 20.03 9.75
N LEU A 290 35.38 19.03 9.27
CA LEU A 290 34.74 17.96 8.50
C LEU A 290 33.68 17.25 9.34
N HIS A 291 34.05 16.84 10.55
CA HIS A 291 33.06 16.23 11.43
C HIS A 291 31.94 17.21 11.74
N SER A 292 32.26 18.50 11.82
CA SER A 292 31.23 19.50 12.06
C SER A 292 30.26 19.60 10.89
N ARG A 293 30.79 19.61 9.65
CA ARG A 293 29.93 19.64 8.47
C ARG A 293 29.13 18.36 8.34
N LYS A 294 29.77 17.21 8.57
CA LYS A 294 29.10 15.92 8.44
C LYS A 294 27.91 15.81 9.40
N LYS A 295 28.00 16.41 10.58
CA LYS A 295 26.89 16.33 11.51
C LYS A 295 25.78 17.30 11.12
N LEU A 296 26.12 18.44 10.51
CA LEU A 296 25.10 19.34 10.00
C LEU A 296 24.30 18.65 8.90
N ILE A 297 24.98 18.02 7.94
CA ILE A 297 24.31 17.36 6.83
C ILE A 297 23.53 16.14 7.31
N GLN A 298 24.11 15.36 8.22
CA GLN A 298 23.40 14.20 8.75
C GLN A 298 22.09 14.61 9.41
N ASP A 299 22.10 15.74 10.12
CA ASP A 299 20.88 16.22 10.77
C ASP A 299 19.90 16.77 9.76
N ARG A 300 20.41 17.44 8.71
CA ARG A 300 19.52 17.95 7.67
C ARG A 300 18.73 16.82 7.01
N PHE A 301 19.39 15.70 6.74
CA PHE A 301 18.70 14.58 6.11
C PHE A 301 17.66 13.95 7.03
N LYS A 302 17.81 14.10 8.35
CA LYS A 302 16.93 13.39 9.27
C LYS A 302 15.62 14.15 9.46
N ASP A 303 15.67 15.49 9.53
CA ASP A 303 14.46 16.28 9.75
C ASP A 303 13.85 16.82 8.46
N ASP A 304 14.62 16.91 7.37
CA ASP A 304 14.07 17.36 6.11
C ASP A 304 13.57 16.22 5.23
N LEU A 305 14.07 15.00 5.44
CA LEU A 305 13.82 13.87 4.54
C LEU A 305 13.55 12.56 5.27
N ASN A 306 13.75 12.50 6.58
CA ASN A 306 13.62 11.27 7.36
C ASN A 306 14.59 10.19 6.84
N LEU A 307 15.84 10.60 6.65
CA LEU A 307 16.90 9.74 6.13
C LEU A 307 18.02 9.61 7.14
N LEU A 308 18.45 8.37 7.40
CA LEU A 308 19.65 8.14 8.21
C LEU A 308 20.77 7.98 7.19
N ILE A 309 21.46 9.09 6.91
CA ILE A 309 22.23 9.20 5.68
C ILE A 309 23.58 8.51 5.81
N ASP A 310 24.27 8.68 6.95
CA ASP A 310 25.58 8.08 7.11
C ASP A 310 25.70 7.44 8.49
N ILE A 311 24.59 7.02 9.05
CA ILE A 311 24.57 6.50 10.42
C ILE A 311 25.09 5.08 10.38
N VAL A 312 26.02 4.76 11.28
CA VAL A 312 26.73 3.49 11.26
C VAL A 312 26.21 2.59 12.38
N LYS A 313 26.04 1.31 12.06
CA LYS A 313 25.66 0.28 13.01
C LYS A 313 26.85 -0.65 13.24
N GLN A 314 28.03 -0.04 13.25
CA GLN A 314 29.32 -0.67 13.55
C GLN A 314 29.66 -1.82 12.61
N GLY A 315 29.09 -1.80 11.41
CA GLY A 315 29.40 -2.84 10.43
C GLY A 315 30.43 -2.37 9.42
N SER A 316 31.62 -2.00 9.90
CA SER A 316 32.80 -1.46 9.22
C SER A 316 32.65 -0.02 8.75
N GLY A 317 31.47 0.60 8.83
CA GLY A 317 31.44 2.04 8.77
C GLY A 317 30.32 2.74 8.02
N THR A 318 29.64 2.06 7.08
CA THR A 318 28.60 2.73 6.28
C THR A 318 27.36 1.85 6.09
N THR A 319 26.50 1.77 7.10
CA THR A 319 25.27 0.99 6.95
C THR A 319 24.22 1.79 6.16
N ASN A 320 24.59 2.11 4.92
CA ASN A 320 23.67 2.69 3.95
C ASN A 320 23.19 1.59 3.02
N ASP A 321 21.89 1.32 3.04
CA ASP A 321 21.33 0.36 2.11
C ASP A 321 21.17 1.01 0.74
N GLY A 322 20.85 0.18 -0.26
CA GLY A 322 20.43 0.74 -1.53
C GLY A 322 19.19 1.61 -1.39
N ASN A 323 18.35 1.33 -0.40
CA ASN A 323 17.21 2.21 -0.13
C ASN A 323 17.67 3.62 0.21
N THR A 324 18.73 3.75 1.00
CA THR A 324 19.22 5.07 1.37
C THR A 324 19.78 5.80 0.14
N ALA A 325 20.56 5.11 -0.69
CA ALA A 325 21.09 5.74 -1.87
C ALA A 325 19.99 6.08 -2.87
N ARG A 326 18.93 5.26 -2.94
CA ARG A 326 17.83 5.57 -3.84
C ARG A 326 17.17 6.89 -3.48
N ARG A 327 16.96 7.14 -2.18
CA ARG A 327 16.33 8.39 -1.74
C ARG A 327 17.29 9.57 -1.77
N PHE A 328 18.60 9.31 -1.71
CA PHE A 328 19.57 10.38 -1.85
C PHE A 328 19.51 11.02 -3.23
N PHE A 329 19.19 10.23 -4.26
CA PHE A 329 19.11 10.72 -5.63
C PHE A 329 17.67 10.98 -6.08
N GLU A 330 16.68 10.60 -5.27
CA GLU A 330 15.29 10.75 -5.69
C GLU A 330 14.91 12.20 -5.94
N PHE A 331 15.59 13.15 -5.30
CA PHE A 331 15.25 14.56 -5.40
C PHE A 331 16.53 15.37 -5.48
N PRO A 332 17.11 15.49 -6.68
CA PRO A 332 18.38 16.23 -6.80
C PRO A 332 18.26 17.69 -6.42
N ASP A 333 17.08 18.29 -6.60
CA ASP A 333 16.93 19.69 -6.23
C ASP A 333 17.10 19.89 -4.73
N LYS A 334 16.69 18.90 -3.94
CA LYS A 334 16.70 18.98 -2.48
C LYS A 334 18.01 18.49 -1.87
N THR A 335 18.53 17.36 -2.37
CA THR A 335 19.84 16.87 -1.92
C THR A 335 20.92 17.94 -2.05
N ALA A 336 20.86 18.77 -3.08
CA ALA A 336 21.87 19.81 -3.25
C ALA A 336 21.75 20.87 -2.17
N ALA A 337 20.52 21.25 -1.79
CA ALA A 337 20.34 22.21 -0.71
C ALA A 337 20.79 21.63 0.63
N ILE A 338 20.59 20.33 0.83
CA ILE A 338 21.00 19.68 2.07
C ILE A 338 22.52 19.58 2.13
N THR A 339 23.14 18.97 1.11
CA THR A 339 24.58 18.68 1.16
C THR A 339 25.46 19.84 0.77
N GLY A 340 24.91 20.89 0.16
CA GLY A 340 25.76 21.96 -0.34
C GLY A 340 26.42 21.67 -1.65
N LEU A 341 26.03 20.59 -2.33
CA LEU A 341 26.58 20.21 -3.63
C LEU A 341 25.82 20.88 -4.77
N ASP A 342 26.38 20.74 -5.96
CA ASP A 342 25.82 21.32 -7.17
C ASP A 342 24.69 20.44 -7.71
N GLU A 343 23.52 21.05 -7.93
CA GLU A 343 22.37 20.29 -8.39
C GLU A 343 22.63 19.62 -9.73
N ASP A 344 23.20 20.37 -10.68
CA ASP A 344 23.53 19.81 -11.98
C ASP A 344 24.27 18.49 -11.84
N LEU A 345 25.36 18.47 -11.05
CA LEU A 345 26.10 17.24 -10.85
C LEU A 345 25.23 16.14 -10.25
N ILE A 346 24.45 16.49 -9.23
CA ILE A 346 23.67 15.47 -8.53
C ILE A 346 22.65 14.85 -9.47
N ARG A 347 21.91 15.70 -10.19
CA ARG A 347 20.92 15.21 -11.15
C ARG A 347 21.58 14.37 -12.24
N ARG A 348 22.76 14.79 -12.71
CA ARG A 348 23.48 14.00 -13.70
C ARG A 348 23.77 12.60 -13.19
N PHE A 349 24.29 12.49 -11.97
CA PHE A 349 24.59 11.17 -11.43
C PHE A 349 23.33 10.35 -11.20
N SER A 350 22.22 10.99 -10.85
CA SER A 350 20.99 10.26 -10.62
C SER A 350 20.43 9.71 -11.93
N VAL A 351 20.40 10.55 -12.97
CA VAL A 351 19.91 10.12 -14.29
C VAL A 351 20.70 8.90 -14.77
N ILE A 352 22.01 8.91 -14.55
CA ILE A 352 22.85 7.79 -14.98
C ILE A 352 22.45 6.53 -14.23
N LEU A 353 22.40 6.60 -12.90
CA LEU A 353 22.07 5.42 -12.11
C LEU A 353 20.67 4.89 -12.43
N GLN A 354 19.74 5.78 -12.81
CA GLN A 354 18.40 5.34 -13.20
C GLN A 354 18.45 4.50 -14.47
N ALA A 355 19.16 4.99 -15.50
CA ALA A 355 19.31 4.24 -16.74
C ALA A 355 19.92 2.87 -16.50
N ILE A 356 20.98 2.81 -15.70
CA ILE A 356 21.64 1.56 -15.38
C ILE A 356 20.66 0.58 -14.72
N THR A 357 19.93 1.06 -13.71
CA THR A 357 19.10 0.16 -12.91
C THR A 357 17.80 -0.22 -13.59
N SER A 358 17.38 0.50 -14.62
CA SER A 358 16.12 0.18 -15.30
C SER A 358 16.18 -1.17 -15.99
N GLY A 359 17.38 -1.58 -16.43
CA GLY A 359 17.52 -2.79 -17.21
C GLY A 359 17.11 -2.64 -18.67
N GLU A 360 16.53 -1.50 -19.05
CA GLU A 360 16.13 -1.28 -20.42
C GLU A 360 17.36 -1.03 -21.30
N ILE A 361 17.11 -0.90 -22.60
CA ILE A 361 18.19 -0.65 -23.55
C ILE A 361 18.59 0.81 -23.45
N ILE A 362 19.89 1.05 -23.34
CA ILE A 362 20.45 2.39 -23.24
C ILE A 362 21.12 2.72 -24.57
N ASP A 363 20.83 3.90 -25.11
CA ASP A 363 21.52 4.39 -26.30
C ASP A 363 23.00 4.64 -25.98
N VAL A 364 23.85 3.64 -26.27
CA VAL A 364 25.25 3.72 -25.84
C VAL A 364 25.95 4.99 -26.33
N PRO A 365 25.89 5.37 -27.62
CA PRO A 365 26.53 6.63 -28.02
C PRO A 365 25.93 7.84 -27.33
N LYS A 366 24.62 7.85 -27.12
CA LYS A 366 24.00 8.97 -26.42
C LYS A 366 24.37 8.98 -24.95
N PHE A 367 24.65 7.81 -24.38
CA PHE A 367 25.05 7.70 -22.99
C PHE A 367 26.48 8.20 -22.78
N LYS A 368 27.39 7.78 -23.67
CA LYS A 368 28.79 8.17 -23.54
C LYS A 368 28.95 9.69 -23.53
N GLU A 369 28.20 10.40 -24.36
CA GLU A 369 28.28 11.86 -24.36
C GLU A 369 27.79 12.42 -23.03
N TYR A 370 26.75 11.81 -22.46
CA TYR A 370 26.26 12.27 -21.16
C TYR A 370 27.25 11.96 -20.06
N ALA A 371 27.86 10.78 -20.11
CA ALA A 371 28.89 10.42 -19.13
C ALA A 371 30.13 11.29 -19.32
N ARG A 372 30.58 11.49 -20.56
CA ARG A 372 31.77 12.31 -20.81
C ARG A 372 31.60 13.72 -20.26
N THR A 373 30.38 14.25 -20.33
CA THR A 373 30.15 15.63 -19.90
C THR A 373 29.98 15.71 -18.40
N THR A 374 29.31 14.71 -17.81
CA THR A 374 29.22 14.64 -16.36
C THR A 374 30.60 14.64 -15.71
N ALA A 375 31.52 13.85 -16.25
CA ALA A 375 32.89 13.87 -15.76
C ALA A 375 33.49 15.27 -15.89
N GLU A 376 33.29 15.94 -17.03
CA GLU A 376 33.79 17.31 -17.19
C GLU A 376 33.22 18.23 -16.12
N LYS A 377 31.94 18.07 -15.79
CA LYS A 377 31.33 18.90 -14.74
C LYS A 377 31.91 18.57 -13.38
N TYR A 378 32.33 17.32 -13.17
CA TYR A 378 32.93 16.93 -11.90
C TYR A 378 34.22 17.70 -11.63
N VAL A 379 35.20 17.58 -12.54
CA VAL A 379 36.47 18.29 -12.37
C VAL A 379 36.26 19.79 -12.41
N GLU A 380 35.20 20.25 -13.09
CA GLU A 380 34.86 21.68 -13.09
C GLU A 380 34.53 22.16 -11.68
N LEU A 381 33.83 21.33 -10.91
CA LEU A 381 33.38 21.71 -9.58
C LEU A 381 34.34 21.24 -8.49
N TYR A 382 34.76 19.98 -8.54
CA TYR A 382 35.45 19.34 -7.42
C TYR A 382 36.67 18.57 -7.90
N ASP A 383 37.57 19.25 -8.63
CA ASP A 383 38.80 18.61 -9.07
C ASP A 383 39.70 18.20 -7.93
N TRP A 384 39.48 18.74 -6.73
CA TRP A 384 40.33 18.42 -5.60
C TRP A 384 40.02 17.06 -5.00
N TYR A 385 38.77 16.60 -5.06
CA TYR A 385 38.43 15.25 -4.61
C TYR A 385 38.62 14.29 -5.78
N TYR A 386 39.60 13.39 -5.68
CA TYR A 386 39.84 12.41 -6.72
C TYR A 386 38.66 11.46 -6.84
N MET A 387 38.32 11.09 -8.08
CA MET A 387 37.16 10.24 -8.33
C MET A 387 37.38 8.84 -7.78
N SER A 388 36.39 8.30 -7.08
CA SER A 388 36.48 6.95 -6.59
C SER A 388 36.58 5.97 -7.74
N SER A 389 37.07 4.76 -7.44
CA SER A 389 37.22 3.75 -8.48
C SER A 389 35.87 3.42 -9.12
N THR A 390 34.80 3.42 -8.31
CA THR A 390 33.47 3.18 -8.84
C THR A 390 32.99 4.33 -9.73
N VAL A 391 33.25 5.57 -9.31
CA VAL A 391 32.84 6.73 -10.12
C VAL A 391 33.65 6.77 -11.41
N HIS A 392 34.95 6.50 -11.33
CA HIS A 392 35.76 6.41 -12.55
C HIS A 392 35.21 5.35 -13.48
N LYS A 393 35.03 4.14 -12.98
CA LYS A 393 34.54 3.04 -13.83
C LYS A 393 33.16 3.35 -14.40
N LEU A 394 32.34 4.11 -13.67
CA LEU A 394 31.02 4.48 -14.17
C LEU A 394 31.13 5.53 -15.27
N LEU A 395 31.65 6.71 -14.94
CA LEU A 395 31.64 7.81 -15.89
C LEU A 395 32.53 7.55 -17.08
N ILE A 396 33.71 6.98 -16.86
CA ILE A 396 34.71 6.87 -17.91
C ILE A 396 34.55 5.59 -18.72
N HIS A 397 34.24 4.46 -18.07
CA HIS A 397 34.08 3.19 -18.76
C HIS A 397 32.65 2.67 -18.74
N GLY A 398 31.67 3.51 -18.38
CA GLY A 398 30.30 3.02 -18.29
C GLY A 398 29.66 2.82 -19.64
N GLY A 399 29.98 3.69 -20.62
CA GLY A 399 29.47 3.49 -21.96
C GLY A 399 29.83 2.13 -22.52
N ASP A 400 31.10 1.74 -22.39
CA ASP A 400 31.54 0.45 -22.93
C ASP A 400 30.88 -0.71 -22.19
N ILE A 401 30.75 -0.61 -20.86
CA ILE A 401 30.18 -1.70 -20.08
C ILE A 401 28.72 -1.94 -20.46
N ILE A 402 27.94 -0.86 -20.57
CA ILE A 402 26.59 -0.98 -21.14
C ILE A 402 26.65 -1.70 -22.49
N ALA A 403 27.56 -1.26 -23.36
CA ALA A 403 27.63 -1.80 -24.71
C ALA A 403 27.93 -3.29 -24.72
N GLU A 404 28.72 -3.78 -23.78
CA GLU A 404 29.03 -5.20 -23.69
C GLU A 404 28.13 -5.92 -22.69
N ASN A 405 26.95 -5.37 -22.41
CA ASN A 405 25.92 -5.99 -21.57
C ASN A 405 26.53 -6.65 -20.33
N ALA A 406 27.39 -5.89 -19.64
CA ALA A 406 28.14 -6.38 -18.48
C ALA A 406 27.72 -5.69 -17.18
N ILE A 407 26.43 -5.49 -16.98
CA ILE A 407 25.89 -4.83 -15.80
C ILE A 407 25.10 -5.85 -15.00
N VAL A 408 25.34 -5.90 -13.69
CA VAL A 408 24.82 -6.97 -12.84
C VAL A 408 23.68 -6.41 -12.00
N PRO A 409 22.44 -6.85 -12.23
CA PRO A 409 21.30 -6.40 -11.41
C PRO A 409 20.94 -7.28 -10.23
N ILE A 410 21.68 -8.36 -9.98
CA ILE A 410 21.41 -9.19 -8.80
C ILE A 410 21.39 -8.35 -7.54
N GLY A 411 22.32 -7.41 -7.41
CA GLY A 411 22.42 -6.56 -6.24
C GLY A 411 21.14 -5.84 -5.86
N SER A 412 20.77 -4.84 -6.67
CA SER A 412 19.55 -4.08 -6.42
C SER A 412 18.31 -4.96 -6.37
N LEU A 413 18.22 -5.95 -7.25
CA LEU A 413 17.06 -6.84 -7.27
C LEU A 413 16.99 -7.67 -5.99
N SER A 414 18.13 -8.11 -5.47
CA SER A 414 18.15 -8.83 -4.20
C SER A 414 17.63 -7.98 -3.05
N GLU A 415 17.93 -6.68 -3.08
CA GLU A 415 17.45 -5.79 -2.02
C GLU A 415 15.95 -5.55 -2.13
N GLU A 416 15.48 -5.25 -3.35
CA GLU A 416 14.06 -5.01 -3.57
C GLU A 416 13.22 -6.19 -3.10
N ALA A 417 13.75 -7.41 -3.21
CA ALA A 417 13.08 -8.56 -2.64
C ALA A 417 13.03 -8.47 -1.12
N SER A 418 14.17 -8.14 -0.48
CA SER A 418 14.20 -8.03 0.97
C SER A 418 13.18 -7.00 1.47
N GLU A 419 13.12 -5.84 0.80
CA GLU A 419 12.10 -4.86 1.18
C GLU A 419 10.70 -5.41 0.99
N ALA A 420 10.53 -6.31 0.04
CA ALA A 420 9.20 -6.81 -0.28
C ALA A 420 8.78 -7.97 0.60
N ARG A 421 9.72 -8.67 1.24
CA ARG A 421 9.34 -9.70 2.19
C ARG A 421 8.97 -9.09 3.54
N ASN A 422 9.78 -8.15 4.03
CA ASN A 422 9.43 -7.44 5.25
C ASN A 422 8.09 -6.75 5.12
N LYS A 423 7.72 -6.36 3.91
CA LYS A 423 6.36 -5.89 3.66
C LYS A 423 5.37 -7.04 3.76
N ASP A 424 5.69 -8.17 3.11
CA ASP A 424 4.82 -9.34 3.17
C ASP A 424 4.72 -9.90 4.58
N PHE A 425 5.83 -9.89 5.33
CA PHE A 425 5.81 -10.41 6.68
C PHE A 425 4.86 -9.60 7.56
N ARG A 426 4.85 -8.27 7.39
CA ARG A 426 3.97 -7.42 8.18
C ARG A 426 2.51 -7.59 7.79
N ARG A 427 2.25 -8.11 6.59
CA ARG A 427 0.88 -8.36 6.15
C ARG A 427 0.39 -9.76 6.55
N PHE A 428 1.23 -10.78 6.36
CA PHE A 428 0.87 -12.15 6.72
C PHE A 428 0.81 -12.34 8.23
N ARG A 429 1.65 -11.62 8.97
CA ARG A 429 1.68 -11.74 10.43
C ARG A 429 0.32 -11.46 11.06
N GLU A 430 -0.49 -10.59 10.44
CA GLU A 430 -1.77 -10.22 11.03
C GLU A 430 -2.81 -11.33 11.00
N HIS A 431 -2.50 -12.49 10.39
CA HIS A 431 -3.41 -13.63 10.47
C HIS A 431 -2.67 -14.97 10.48
N HIS A 432 -1.35 -14.98 10.74
CA HIS A 432 -0.58 -16.20 10.85
C HIS A 432 0.49 -16.03 11.92
N SER A 433 1.01 -17.17 12.40
CA SER A 433 2.08 -17.18 13.38
C SER A 433 3.41 -16.78 12.74
N ARG A 434 4.42 -16.57 13.58
CA ARG A 434 5.70 -16.05 13.08
C ARG A 434 6.40 -17.04 12.17
N LYS A 435 6.61 -18.27 12.65
CA LYS A 435 7.30 -19.26 11.84
C LYS A 435 6.52 -19.60 10.58
N LYS A 436 5.19 -19.47 10.62
CA LYS A 436 4.38 -19.76 9.45
C LYS A 436 4.29 -18.56 8.52
N SER A 437 4.08 -17.35 9.06
CA SER A 437 4.06 -16.17 8.22
C SER A 437 5.44 -15.85 7.64
N ARG A 438 6.51 -16.30 8.29
CA ARG A 438 7.85 -16.07 7.74
C ARG A 438 8.11 -16.96 6.54
N GLN A 439 7.43 -18.10 6.45
CA GLN A 439 7.60 -18.98 5.29
C GLN A 439 6.60 -18.65 4.20
N ALA A 440 5.37 -18.27 4.57
CA ALA A 440 4.43 -17.75 3.60
C ALA A 440 5.01 -16.55 2.86
N SER A 441 5.93 -15.81 3.49
CA SER A 441 6.62 -14.72 2.83
C SER A 441 7.68 -15.24 1.86
N ASN A 442 8.50 -16.18 2.31
CA ASN A 442 9.50 -16.77 1.41
C ASN A 442 8.85 -17.49 0.24
N GLU A 443 7.69 -18.10 0.46
CA GLU A 443 6.97 -18.73 -0.64
C GLU A 443 6.52 -17.69 -1.66
N ASP A 444 5.97 -16.57 -1.18
CA ASP A 444 5.36 -15.60 -2.09
C ASP A 444 6.42 -14.82 -2.85
N ILE A 445 7.54 -14.51 -2.21
CA ILE A 445 8.59 -13.74 -2.88
C ILE A 445 9.23 -14.57 -3.99
N LEU A 446 9.42 -15.87 -3.74
CA LEU A 446 9.90 -16.75 -4.81
C LEU A 446 8.97 -16.69 -6.01
N ASN A 447 7.66 -16.69 -5.78
CA ASN A 447 6.71 -16.59 -6.87
C ASN A 447 6.81 -15.24 -7.56
N MET A 448 6.74 -14.15 -6.79
CA MET A 448 6.89 -12.81 -7.35
C MET A 448 8.16 -12.69 -8.16
N LEU A 449 9.24 -13.35 -7.74
CA LEU A 449 10.48 -13.30 -8.49
C LEU A 449 10.41 -14.13 -9.76
N ILE A 450 9.58 -15.17 -9.77
CA ILE A 450 9.48 -16.02 -10.96
C ILE A 450 8.63 -15.36 -12.04
N ILE A 451 7.46 -14.83 -11.67
CA ILE A 451 6.64 -14.10 -12.65
C ILE A 451 7.43 -12.95 -13.25
N SER A 452 8.14 -12.19 -12.42
CA SER A 452 8.87 -11.03 -12.91
C SER A 452 10.03 -11.42 -13.81
N SER A 453 10.60 -12.61 -13.64
CA SER A 453 11.70 -13.07 -14.47
C SER A 453 11.25 -14.09 -15.51
N ASP A 454 9.96 -14.13 -15.82
CA ASP A 454 9.39 -15.07 -16.75
C ASP A 454 9.51 -14.56 -18.19
N PRO A 455 10.00 -15.38 -19.13
CA PRO A 455 10.20 -14.87 -20.50
C PRO A 455 8.91 -14.53 -21.23
N LEU A 456 7.84 -15.29 -21.00
CA LEU A 456 6.60 -14.97 -21.71
C LEU A 456 5.88 -13.78 -21.08
N ILE A 457 5.95 -13.67 -19.75
CA ILE A 457 5.30 -12.55 -19.08
C ILE A 457 6.06 -11.26 -19.35
N SER A 458 7.38 -11.30 -19.21
CA SER A 458 8.20 -10.13 -19.49
C SER A 458 8.14 -9.72 -20.96
N PHE A 459 7.72 -10.65 -21.84
CA PHE A 459 7.62 -10.34 -23.25
C PHE A 459 6.58 -9.26 -23.52
N THR A 460 5.59 -9.11 -22.64
CA THR A 460 4.54 -8.12 -22.81
C THR A 460 4.44 -7.21 -21.60
N ARG A 461 5.55 -6.98 -20.91
CA ARG A 461 5.42 -6.03 -19.81
C ARG A 461 5.85 -4.64 -20.24
N PRO A 462 5.18 -3.61 -19.73
CA PRO A 462 5.55 -2.23 -20.10
C PRO A 462 7.02 -1.96 -19.83
N LYS A 463 7.64 -1.24 -20.77
CA LYS A 463 9.07 -0.94 -20.65
C LYS A 463 9.40 -0.22 -19.36
N LEU A 464 8.41 0.39 -18.70
CA LEU A 464 8.68 1.09 -17.46
C LEU A 464 7.47 1.00 -16.55
N ASP A 465 7.73 0.76 -15.27
CA ASP A 465 6.69 0.57 -14.26
C ASP A 465 5.83 1.82 -14.13
N ALA A 466 4.75 1.69 -13.36
CA ALA A 466 4.14 2.88 -12.79
C ALA A 466 5.11 3.58 -11.85
N HIS A 467 5.96 2.80 -11.18
CA HIS A 467 7.03 3.36 -10.37
C HIS A 467 8.06 4.09 -11.23
N LYS A 468 8.50 3.46 -12.32
CA LYS A 468 9.51 4.09 -13.17
C LYS A 468 8.96 5.31 -13.89
N ARG A 469 7.67 5.31 -14.19
CA ARG A 469 7.04 6.48 -14.82
C ARG A 469 7.10 7.68 -13.89
N GLN A 470 6.84 7.45 -12.60
CA GLN A 470 6.77 8.56 -11.64
C GLN A 470 8.14 9.11 -11.30
N THR A 471 9.15 8.24 -11.22
CA THR A 471 10.43 8.65 -10.66
C THR A 471 11.44 9.10 -11.72
N TYR A 472 11.44 8.48 -12.90
CA TYR A 472 12.50 8.75 -13.88
C TYR A 472 12.40 10.17 -14.40
N PHE A 473 13.56 10.78 -14.65
CA PHE A 473 13.64 12.15 -15.08
C PHE A 473 13.49 12.27 -16.60
N LYS A 474 13.40 13.51 -17.06
CA LYS A 474 13.30 13.76 -18.49
C LYS A 474 14.53 13.25 -19.22
N GLU A 475 15.72 13.49 -18.67
CA GLU A 475 16.95 13.04 -19.30
C GLU A 475 17.08 11.52 -19.28
N THR A 476 16.43 10.85 -18.32
CA THR A 476 16.56 9.41 -18.21
C THR A 476 15.90 8.69 -19.39
N VAL A 477 14.63 8.99 -19.65
CA VAL A 477 13.95 8.36 -20.78
C VAL A 477 14.67 8.67 -22.08
N GLU A 478 15.19 9.90 -22.21
CA GLU A 478 15.94 10.29 -23.41
C GLU A 478 17.14 9.38 -23.60
N LEU A 479 17.76 8.92 -22.52
CA LEU A 479 18.86 7.97 -22.60
C LEU A 479 18.39 6.56 -22.94
N LEU A 480 17.13 6.23 -22.62
CA LEU A 480 16.58 4.92 -22.93
C LEU A 480 15.84 4.85 -24.25
N GLN A 481 15.62 5.97 -24.93
CA GLN A 481 14.89 6.00 -26.21
C GLN A 481 13.58 5.23 -26.11
N LEU A 482 12.81 5.52 -25.07
CA LEU A 482 11.56 4.82 -24.81
C LEU A 482 10.38 5.61 -25.35
N GLN A 483 9.58 4.95 -26.19
CA GLN A 483 8.29 5.44 -26.63
C GLN A 483 7.15 4.98 -25.72
N ASP A 484 7.48 4.48 -24.53
CA ASP A 484 6.48 4.06 -23.54
C ASP A 484 6.17 5.28 -22.66
N GLN A 485 5.38 6.19 -23.22
CA GLN A 485 5.05 7.44 -22.53
C GLN A 485 4.20 7.20 -21.29
N THR B 6 -15.70 9.41 -23.67
CA THR B 6 -14.94 8.49 -22.84
C THR B 6 -15.89 7.66 -21.97
N ILE B 7 -15.61 6.35 -21.89
CA ILE B 7 -16.48 5.44 -21.15
C ILE B 7 -16.61 5.88 -19.70
N PHE B 8 -15.50 6.25 -19.07
CA PHE B 8 -15.53 6.75 -17.70
C PHE B 8 -15.60 8.27 -17.72
N SER B 9 -16.62 8.82 -17.04
CA SER B 9 -16.64 10.25 -16.77
C SER B 9 -15.53 10.59 -15.76
N PRO B 10 -15.04 11.83 -15.77
CA PRO B 10 -14.04 12.22 -14.76
C PRO B 10 -14.49 11.97 -13.33
N GLU B 11 -15.76 12.24 -13.03
CA GLU B 11 -16.27 11.93 -11.68
C GLU B 11 -16.43 10.43 -11.50
N LYS B 12 -16.84 9.72 -12.54
CA LYS B 12 -16.99 8.28 -12.44
C LYS B 12 -15.63 7.59 -12.35
N ALA B 13 -14.63 8.12 -13.07
CA ALA B 13 -13.26 7.66 -12.89
C ALA B 13 -12.78 7.93 -11.47
N LEU B 14 -13.00 9.16 -10.98
CA LEU B 14 -12.61 9.51 -9.62
C LEU B 14 -13.23 8.56 -8.61
N GLY B 15 -14.46 8.10 -8.86
CA GLY B 15 -15.03 7.05 -8.04
C GLY B 15 -14.20 5.79 -8.10
N LEU B 16 -13.87 5.34 -9.32
CA LEU B 16 -13.00 4.19 -9.50
C LEU B 16 -11.68 4.40 -8.79
N LEU B 17 -11.20 5.64 -8.73
CA LEU B 17 -9.97 5.95 -8.03
C LEU B 17 -10.12 5.66 -6.53
N LEU B 18 -11.20 6.16 -5.93
CA LEU B 18 -11.43 5.93 -4.50
C LEU B 18 -11.73 4.47 -4.20
N SER B 19 -12.61 3.87 -4.99
CA SER B 19 -13.02 2.49 -4.74
C SER B 19 -11.84 1.51 -4.81
N LEU B 20 -10.81 1.86 -5.59
CA LEU B 20 -9.66 0.99 -5.77
C LEU B 20 -8.47 1.41 -4.92
N LYS B 21 -8.51 2.60 -4.31
CA LYS B 21 -7.39 3.16 -3.58
C LYS B 21 -6.18 3.30 -4.51
N LEU B 22 -6.43 3.90 -5.68
CA LEU B 22 -5.41 4.07 -6.70
C LEU B 22 -4.62 5.35 -6.50
N SER B 23 -3.32 5.26 -6.73
CA SER B 23 -2.45 6.43 -6.70
C SER B 23 -2.53 7.17 -8.02
N LYS B 24 -2.07 8.42 -8.00
CA LYS B 24 -2.02 9.24 -9.21
C LYS B 24 -1.31 8.49 -10.34
N TRP B 25 -0.15 7.89 -10.04
CA TRP B 25 0.67 7.27 -11.07
C TRP B 25 0.23 5.85 -11.40
N GLN B 26 -0.52 5.19 -10.53
CA GLN B 26 -1.15 3.95 -10.94
C GLN B 26 -2.22 4.21 -12.00
N TYR B 27 -2.96 5.31 -11.84
CA TYR B 27 -4.05 5.62 -12.75
C TYR B 27 -3.53 6.10 -14.10
N ILE B 28 -2.45 6.89 -14.09
CA ILE B 28 -1.84 7.33 -15.35
C ILE B 28 -1.32 6.14 -16.14
N THR B 29 -0.56 5.26 -15.48
CA THR B 29 -0.01 4.10 -16.16
C THR B 29 -1.11 3.14 -16.59
N LEU B 30 -2.15 2.97 -15.78
CA LEU B 30 -3.29 2.17 -16.20
C LEU B 30 -3.89 2.70 -17.50
N ARG B 31 -4.03 4.02 -17.59
CA ARG B 31 -4.55 4.63 -18.78
C ARG B 31 -3.66 4.37 -19.98
N GLU B 32 -2.40 4.78 -19.92
CA GLU B 32 -1.45 4.58 -21.02
C GLU B 32 -1.40 3.13 -21.46
N THR B 33 -1.24 2.20 -20.51
CA THR B 33 -1.13 0.80 -20.86
C THR B 33 -2.41 0.29 -21.53
N THR B 34 -3.55 0.88 -21.20
CA THR B 34 -4.81 0.48 -21.82
C THR B 34 -4.92 1.03 -23.24
N ILE B 35 -4.31 2.19 -23.53
CA ILE B 35 -4.27 2.68 -24.91
C ILE B 35 -3.36 1.80 -25.75
N ARG B 36 -2.15 1.56 -25.26
CA ARG B 36 -1.12 0.80 -25.96
C ARG B 36 -1.58 -0.60 -26.37
N GLU B 37 -2.71 -1.08 -25.86
CA GLU B 37 -3.30 -2.34 -26.29
C GLU B 37 -4.51 -2.15 -27.18
N GLY B 38 -4.73 -0.94 -27.69
CA GLY B 38 -5.71 -0.70 -28.74
C GLY B 38 -7.09 -0.31 -28.27
N SER B 39 -7.16 0.56 -27.26
CA SER B 39 -8.43 0.99 -26.70
C SER B 39 -8.18 2.29 -25.95
N LYS B 40 -8.78 3.39 -26.43
CA LYS B 40 -8.66 4.67 -25.74
C LYS B 40 -9.89 5.03 -24.93
N GLU B 41 -11.08 4.85 -25.49
CA GLU B 41 -12.34 5.34 -24.92
C GLU B 41 -12.57 5.03 -23.44
N ILE B 42 -11.60 4.45 -22.73
CA ILE B 42 -11.84 3.95 -21.38
C ILE B 42 -11.71 5.03 -20.31
N TYR B 43 -10.50 5.57 -20.13
CA TYR B 43 -10.25 6.42 -18.97
C TYR B 43 -9.86 7.85 -19.35
N PRO B 44 -10.41 8.86 -18.65
CA PRO B 44 -10.03 10.26 -18.92
C PRO B 44 -8.66 10.64 -18.38
N SER B 45 -8.24 11.87 -18.63
CA SER B 45 -6.94 12.34 -18.13
C SER B 45 -7.00 12.64 -16.63
N TYR B 46 -5.83 12.47 -15.98
CA TYR B 46 -5.76 12.76 -14.56
C TYR B 46 -5.95 14.24 -14.26
N TYR B 47 -5.58 15.12 -15.21
CA TYR B 47 -5.90 16.53 -15.04
C TYR B 47 -7.41 16.73 -14.94
N LYS B 48 -8.18 16.05 -15.79
CA LYS B 48 -9.63 16.11 -15.71
C LYS B 48 -10.14 15.50 -14.42
N VAL B 49 -9.48 14.46 -13.91
CA VAL B 49 -9.88 13.87 -12.64
C VAL B 49 -9.55 14.83 -11.49
N GLN B 50 -8.34 15.40 -11.51
CA GLN B 50 -7.97 16.36 -10.48
C GLN B 50 -8.86 17.59 -10.50
N LYS B 51 -9.32 18.01 -11.68
CA LYS B 51 -10.26 19.12 -11.76
C LYS B 51 -11.57 18.77 -11.07
N ALA B 52 -12.04 17.53 -11.24
CA ALA B 52 -13.25 17.09 -10.55
C ALA B 52 -13.08 17.14 -9.04
N LYS B 53 -11.88 16.80 -8.56
CA LYS B 53 -11.60 16.91 -7.13
C LYS B 53 -11.72 18.34 -6.65
N LEU B 54 -11.15 19.29 -7.41
CA LEU B 54 -11.25 20.69 -7.04
C LEU B 54 -12.71 21.15 -6.97
N GLN B 55 -13.58 20.53 -7.77
CA GLN B 55 -14.97 20.95 -7.80
C GLN B 55 -15.74 20.55 -6.54
N CYS B 56 -15.24 19.59 -5.76
CA CYS B 56 -15.90 19.24 -4.51
C CYS B 56 -15.54 20.20 -3.38
N TYR B 57 -14.41 20.87 -3.48
CA TYR B 57 -13.94 21.70 -2.38
C TYR B 57 -14.74 22.98 -2.29
N PRO B 58 -14.98 23.48 -1.07
CA PRO B 58 -15.52 24.83 -0.92
C PRO B 58 -14.43 25.86 -1.14
N PRO B 59 -14.78 27.14 -1.28
CA PRO B 59 -13.75 28.15 -1.60
C PRO B 59 -12.73 28.34 -0.50
N LYS B 60 -11.87 29.36 -0.64
CA LYS B 60 -11.01 29.74 0.48
C LYS B 60 -11.82 30.20 1.68
N ALA B 61 -13.13 30.42 1.51
CA ALA B 61 -14.04 30.54 2.64
C ALA B 61 -13.87 29.34 3.56
N PHE B 62 -13.02 29.48 4.58
CA PHE B 62 -12.88 28.51 5.66
C PHE B 62 -12.17 27.24 5.20
N VAL B 63 -11.08 27.39 4.44
CA VAL B 63 -10.04 26.37 4.45
C VAL B 63 -9.24 26.66 5.71
N ALA B 64 -9.61 25.98 6.80
CA ALA B 64 -9.02 26.23 8.10
C ALA B 64 -8.39 24.92 8.56
N VAL B 65 -7.17 24.67 8.10
CA VAL B 65 -6.41 23.49 8.49
C VAL B 65 -5.18 23.98 9.23
N THR B 66 -5.17 23.79 10.54
CA THR B 66 -4.06 24.17 11.39
C THR B 66 -3.16 22.95 11.61
N ASP B 67 -2.13 23.13 12.43
CA ASP B 67 -1.40 21.98 12.94
C ASP B 67 -2.24 21.15 13.90
N SER B 68 -3.44 21.63 14.28
CA SER B 68 -4.30 20.93 15.23
C SER B 68 -5.61 20.46 14.59
N SER B 69 -6.44 21.37 14.10
CA SER B 69 -7.82 21.06 13.73
C SER B 69 -8.08 21.38 12.26
N ALA B 70 -9.35 21.22 11.87
CA ALA B 70 -9.82 21.55 10.54
C ALA B 70 -11.31 21.84 10.61
N LYS B 71 -11.76 22.94 10.01
CA LYS B 71 -13.14 23.39 10.15
C LYS B 71 -13.62 24.06 8.88
N ILE B 72 -14.84 23.73 8.46
CA ILE B 72 -15.53 24.43 7.39
C ILE B 72 -16.78 25.09 7.97
N ALA B 73 -17.07 26.31 7.51
CA ALA B 73 -18.35 26.93 7.82
C ALA B 73 -19.45 26.24 7.00
N LEU B 74 -20.52 25.82 7.68
CA LEU B 74 -21.53 25.01 7.00
C LEU B 74 -22.28 25.81 5.94
N GLN B 75 -22.41 27.13 6.12
CA GLN B 75 -22.97 27.96 5.05
C GLN B 75 -22.25 27.69 3.73
N ALA B 76 -20.92 27.77 3.75
CA ALA B 76 -20.17 27.41 2.54
C ALA B 76 -20.38 25.95 2.19
N LEU B 77 -20.52 25.09 3.20
CA LEU B 77 -20.64 23.64 2.99
C LEU B 77 -22.05 23.26 2.53
N LEU B 78 -23.09 23.81 3.18
CA LEU B 78 -24.46 23.54 2.73
C LEU B 78 -24.67 24.04 1.31
N ASP B 79 -24.28 25.29 1.04
CA ASP B 79 -24.37 25.80 -0.33
C ASP B 79 -23.62 24.88 -1.29
N LEU B 80 -22.44 24.42 -0.88
CA LEU B 80 -21.70 23.45 -1.67
C LEU B 80 -22.54 22.18 -1.89
N THR B 81 -23.15 21.66 -0.82
CA THR B 81 -23.89 20.42 -0.92
C THR B 81 -25.13 20.58 -1.79
N VAL B 82 -25.92 21.63 -1.53
CA VAL B 82 -27.11 21.90 -2.33
C VAL B 82 -26.75 21.94 -3.81
N ASN B 83 -25.68 22.67 -4.15
CA ASN B 83 -25.25 22.73 -5.54
C ASN B 83 -24.90 21.35 -6.08
N ARG B 84 -24.17 20.55 -5.30
CA ARG B 84 -23.80 19.22 -5.78
C ARG B 84 -24.98 18.25 -5.76
N ILE B 85 -26.00 18.51 -4.94
CA ILE B 85 -27.19 17.67 -4.97
C ILE B 85 -27.99 17.93 -6.24
N PHE B 86 -28.10 19.21 -6.64
CA PHE B 86 -28.83 19.55 -7.85
C PHE B 86 -28.24 18.90 -9.09
N GLU B 87 -26.91 18.71 -9.13
CA GLU B 87 -26.27 18.10 -10.29
C GLU B 87 -26.61 16.61 -10.44
N THR B 88 -27.41 16.03 -9.55
CA THR B 88 -27.77 14.62 -9.63
C THR B 88 -29.24 14.36 -9.91
N ILE B 89 -30.09 15.40 -9.84
CA ILE B 89 -31.51 15.21 -10.13
C ILE B 89 -31.69 14.97 -11.62
N ARG B 90 -32.61 14.06 -11.96
CA ARG B 90 -32.84 13.67 -13.34
C ARG B 90 -33.28 14.85 -14.21
N SER B 91 -34.36 15.52 -13.81
CA SER B 91 -34.92 16.63 -14.57
C SER B 91 -35.19 17.78 -13.62
N PRO B 92 -34.23 18.69 -13.44
CA PRO B 92 -34.41 19.81 -12.51
C PRO B 92 -35.42 20.84 -13.00
N ASP B 93 -36.56 20.38 -13.52
CA ASP B 93 -37.69 21.23 -13.87
C ASP B 93 -38.67 21.36 -12.71
N ALA B 94 -38.15 21.45 -11.49
CA ALA B 94 -39.00 21.66 -10.33
C ALA B 94 -39.62 23.06 -10.44
N ILE B 95 -40.91 23.12 -10.77
CA ILE B 95 -41.55 24.42 -10.95
C ILE B 95 -41.58 25.18 -9.63
N GLN B 96 -41.88 24.49 -8.54
CA GLN B 96 -42.04 25.14 -7.24
C GLN B 96 -40.64 25.44 -6.72
N ASN B 97 -40.20 26.69 -6.85
CA ASN B 97 -38.92 27.11 -6.31
C ASN B 97 -39.00 28.23 -5.28
N LYS B 98 -40.18 28.81 -5.04
CA LYS B 98 -40.30 29.93 -4.10
C LYS B 98 -39.66 29.60 -2.76
N GLN B 99 -39.79 28.36 -2.32
CA GLN B 99 -39.11 27.92 -1.11
C GLN B 99 -38.83 26.44 -1.29
N LEU B 100 -37.57 26.05 -1.10
CA LEU B 100 -37.19 24.65 -1.02
C LEU B 100 -36.70 24.36 0.38
N ILE B 101 -37.05 23.19 0.89
CA ILE B 101 -36.68 22.77 2.24
C ILE B 101 -35.70 21.62 2.09
N LEU B 102 -34.45 21.84 2.51
CA LEU B 102 -33.45 20.77 2.60
C LEU B 102 -33.35 20.37 4.07
N ILE B 103 -33.75 19.14 4.37
CA ILE B 103 -33.72 18.61 5.73
C ILE B 103 -32.44 17.82 5.88
N SER B 104 -31.61 18.20 6.85
CA SER B 104 -30.30 17.58 7.02
C SER B 104 -30.10 17.12 8.45
N LYS B 105 -29.11 16.27 8.62
CA LYS B 105 -28.81 15.56 9.86
C LYS B 105 -27.41 15.95 10.31
N TRP B 106 -27.21 16.11 11.62
CA TRP B 106 -25.87 16.40 12.10
C TRP B 106 -25.67 15.87 13.51
N GLY B 107 -24.41 15.86 13.92
CA GLY B 107 -24.02 15.34 15.21
C GLY B 107 -22.51 15.31 15.31
N PHE B 108 -22.02 14.60 16.32
CA PHE B 108 -20.58 14.45 16.48
C PHE B 108 -20.26 13.25 17.36
N ASP B 109 -19.04 12.76 17.22
CA ASP B 109 -18.54 11.63 17.98
C ASP B 109 -17.02 11.66 17.95
N GLY B 110 -16.42 10.91 18.86
CA GLY B 110 -14.98 10.88 18.98
C GLY B 110 -14.47 9.46 19.02
N ALA B 111 -13.22 9.30 18.56
CA ALA B 111 -12.54 8.01 18.53
C ALA B 111 -11.14 8.18 19.07
N SER B 112 -10.58 7.09 19.59
CA SER B 112 -9.22 7.04 20.10
C SER B 112 -8.35 6.22 19.16
N ASN B 113 -7.05 6.22 19.43
CA ASN B 113 -6.11 5.50 18.59
C ASN B 113 -4.87 5.15 19.39
N GLN B 114 -4.24 4.04 18.98
CA GLN B 114 -3.02 3.57 19.61
C GLN B 114 -2.11 2.99 18.53
N SER B 115 -0.83 2.88 18.86
CA SER B 115 0.15 2.29 17.96
C SER B 115 1.45 1.97 18.68
N GLU B 122 5.95 6.43 20.62
CA GLU B 122 5.31 7.50 19.85
C GLU B 122 6.30 8.06 18.82
N SER B 123 6.23 7.52 17.59
CA SER B 123 7.08 7.97 16.50
C SER B 123 6.41 8.99 15.59
N GLY B 124 5.08 9.02 15.52
CA GLY B 124 4.39 9.98 14.68
C GLY B 124 4.05 11.25 15.45
N GLN B 125 3.40 12.17 14.74
CA GLN B 125 3.02 13.44 15.31
C GLN B 125 1.51 13.56 15.40
N GLY B 126 1.02 14.22 16.43
CA GLY B 126 -0.41 14.33 16.58
C GLY B 126 -0.94 13.71 17.87
N ASP B 127 -1.93 14.34 18.50
CA ASP B 127 -2.51 13.71 19.68
C ASP B 127 -3.25 12.43 19.32
N SER B 128 -3.59 12.27 18.03
CA SER B 128 -4.11 11.04 17.46
C SER B 128 -5.37 10.54 18.15
N SER B 129 -6.11 11.44 18.79
CA SER B 129 -7.44 11.17 19.29
C SER B 129 -8.34 12.21 18.66
N ILE B 130 -9.31 11.77 17.86
CA ILE B 130 -10.00 12.66 16.93
C ILE B 130 -11.45 12.84 17.36
N PHE B 131 -11.97 14.03 17.08
CA PHE B 131 -13.35 14.41 17.43
C PHE B 131 -13.93 15.15 16.25
N MET B 132 -14.91 14.53 15.58
CA MET B 132 -15.38 14.99 14.29
C MET B 132 -16.88 15.32 14.35
N THR B 133 -17.24 16.46 13.77
CA THR B 133 -18.62 16.91 13.66
C THR B 133 -19.03 16.84 12.20
N SER B 134 -20.12 16.12 11.92
CA SER B 134 -20.48 15.78 10.56
C SER B 134 -21.94 16.15 10.29
N LEU B 135 -22.26 16.28 9.00
CA LEU B 135 -23.62 16.61 8.58
C LEU B 135 -24.03 15.71 7.40
N VAL B 136 -25.30 15.32 7.38
CA VAL B 136 -25.83 14.44 6.35
C VAL B 136 -27.08 15.07 5.75
N PRO B 137 -27.16 15.23 4.43
CA PRO B 137 -28.41 15.73 3.83
C PRO B 137 -29.37 14.58 3.58
N LEU B 138 -30.66 14.86 3.80
CA LEU B 138 -31.67 13.80 3.80
C LEU B 138 -32.69 14.00 2.69
N LYS B 139 -33.55 15.02 2.77
CA LYS B 139 -34.61 15.22 1.80
C LYS B 139 -34.55 16.63 1.23
N LEU B 140 -34.91 16.75 -0.05
CA LEU B 140 -35.13 18.03 -0.69
C LEU B 140 -36.61 18.15 -1.00
N THR B 141 -37.27 19.13 -0.39
CA THR B 141 -38.71 19.26 -0.44
C THR B 141 -39.12 20.48 -1.26
N ALA B 142 -40.05 20.28 -2.19
CA ALA B 142 -40.67 21.37 -2.95
C ALA B 142 -42.16 21.29 -2.69
N ASP B 143 -42.69 22.28 -1.97
CA ASP B 143 -44.12 22.35 -1.65
C ASP B 143 -44.60 21.09 -0.93
N GLY B 144 -43.68 20.36 -0.30
CA GLY B 144 -43.98 19.14 0.41
C GLY B 144 -43.70 17.85 -0.35
N ASP B 145 -43.10 17.94 -1.53
CA ASP B 145 -42.91 16.80 -2.41
C ASP B 145 -41.43 16.44 -2.46
N THR B 146 -41.17 15.16 -2.70
CA THR B 146 -39.80 14.68 -2.81
C THR B 146 -39.22 15.08 -4.15
N VAL B 147 -38.13 15.84 -4.12
CA VAL B 147 -37.39 16.20 -5.33
C VAL B 147 -36.14 15.35 -5.47
N TRP B 148 -35.32 15.33 -4.42
CA TRP B 148 -34.20 14.40 -4.31
C TRP B 148 -34.24 13.79 -2.92
N VAL B 149 -33.79 12.55 -2.81
CA VAL B 149 -33.78 11.85 -1.54
C VAL B 149 -32.48 11.06 -1.43
N ASN B 150 -31.91 11.04 -0.23
CA ASN B 150 -30.63 10.40 0.01
C ASN B 150 -30.74 8.89 -0.21
N PRO B 151 -29.97 8.32 -1.14
CA PRO B 151 -30.07 6.86 -1.39
C PRO B 151 -29.38 6.03 -0.32
N LYS B 152 -28.52 6.65 0.49
CA LYS B 152 -27.77 5.96 1.53
C LYS B 152 -27.72 6.87 2.75
N PRO B 153 -28.81 6.97 3.49
CA PRO B 153 -28.90 8.01 4.54
C PRO B 153 -27.91 7.81 5.69
N CYS B 154 -27.26 6.66 5.79
CA CYS B 154 -26.29 6.41 6.85
C CYS B 154 -24.92 6.02 6.32
N SER B 155 -24.72 6.10 5.00
CA SER B 155 -23.43 5.74 4.46
C SER B 155 -22.44 6.90 4.61
N PRO B 156 -21.17 6.62 4.88
CA PRO B 156 -20.16 7.68 4.86
C PRO B 156 -20.10 8.39 3.51
N MET B 157 -20.72 7.83 2.47
CA MET B 157 -20.71 8.44 1.15
C MET B 157 -21.47 9.76 1.11
N TYR B 158 -22.32 10.02 2.10
CA TYR B 158 -23.02 11.30 2.20
C TYR B 158 -22.83 11.92 3.58
N CYS B 159 -21.68 11.63 4.22
CA CYS B 159 -21.43 12.12 5.58
C CYS B 159 -20.47 13.31 5.51
N ARG B 160 -21.04 14.47 5.27
CA ARG B 160 -20.25 15.68 5.04
C ARG B 160 -19.48 16.06 6.29
N PRO B 161 -18.18 16.34 6.19
CA PRO B 161 -17.41 16.78 7.36
C PRO B 161 -17.48 18.29 7.56
N VAL B 162 -17.69 18.68 8.82
CA VAL B 162 -17.80 20.08 9.20
C VAL B 162 -16.54 20.53 9.94
N GLN B 163 -16.14 19.80 10.98
CA GLN B 163 -14.97 20.15 11.75
C GLN B 163 -14.47 18.93 12.51
N PHE B 164 -13.19 18.61 12.36
CA PHE B 164 -12.54 17.57 13.15
C PHE B 164 -11.29 18.17 13.79
N SER B 165 -11.21 18.09 15.12
CA SER B 165 -10.03 18.48 15.87
C SER B 165 -9.46 17.25 16.54
N PHE B 166 -8.14 17.27 16.78
CA PHE B 166 -7.45 16.11 17.34
C PHE B 166 -7.40 16.24 18.86
N VAL B 167 -8.58 16.09 19.46
CA VAL B 167 -8.80 16.28 20.89
C VAL B 167 -9.52 15.05 21.43
N LYS B 168 -9.16 14.62 22.63
CA LYS B 168 -9.96 13.62 23.33
C LYS B 168 -11.36 14.17 23.55
N GLU B 169 -12.38 13.35 23.29
CA GLU B 169 -13.76 13.81 23.44
C GLU B 169 -14.05 14.18 24.89
N THR B 170 -13.75 15.42 25.25
CA THR B 170 -14.00 15.92 26.59
C THR B 170 -15.46 16.29 26.77
N LYS B 171 -15.91 16.27 28.03
CA LYS B 171 -17.20 16.87 28.37
C LYS B 171 -17.29 18.31 27.91
N ASP B 172 -16.17 19.02 27.90
CA ASP B 172 -16.17 20.43 27.49
C ASP B 172 -16.36 20.55 25.98
N VAL B 173 -15.55 19.84 25.20
CA VAL B 173 -15.53 20.01 23.75
C VAL B 173 -16.85 19.58 23.12
N VAL B 174 -17.65 18.76 23.79
CA VAL B 174 -18.99 18.45 23.30
C VAL B 174 -19.89 19.68 23.36
N ILE B 175 -20.07 20.24 24.56
CA ILE B 175 -20.85 21.46 24.69
C ILE B 175 -20.19 22.61 23.93
N ASN B 176 -18.86 22.65 23.94
CA ASN B 176 -18.14 23.65 23.14
C ASN B 176 -18.55 23.53 21.68
N GLU B 177 -18.71 22.30 21.18
CA GLU B 177 -19.12 22.09 19.80
C GLU B 177 -20.62 22.31 19.61
N LYS B 178 -21.41 22.08 20.65
CA LYS B 178 -22.86 22.22 20.52
C LYS B 178 -23.26 23.66 20.24
N THR B 179 -22.79 24.60 21.07
CA THR B 179 -23.11 26.01 20.84
C THR B 179 -22.35 26.58 19.64
N ALA B 180 -21.13 26.10 19.37
CA ALA B 180 -20.41 26.55 18.19
C ALA B 180 -21.14 26.15 16.91
N MET B 181 -21.88 25.03 16.96
CA MET B 181 -22.73 24.64 15.83
C MET B 181 -24.05 25.39 15.87
N ASP B 182 -24.68 25.46 17.06
CA ASP B 182 -25.98 26.11 17.19
C ASP B 182 -25.96 27.54 16.68
N ASP B 183 -24.84 28.25 16.86
CA ASP B 183 -24.75 29.62 16.41
C ASP B 183 -24.74 29.71 14.89
N GLU B 184 -23.90 28.90 14.24
CA GLU B 184 -23.90 28.87 12.78
C GLU B 184 -25.22 28.38 12.18
N ILE B 185 -26.10 27.81 13.00
CA ILE B 185 -27.42 27.41 12.50
C ILE B 185 -28.33 28.61 12.32
N GLU B 186 -28.54 29.37 13.39
CA GLU B 186 -29.45 30.51 13.31
C GLU B 186 -29.00 31.53 12.28
N ALA B 187 -27.71 31.56 11.95
CA ALA B 187 -27.16 32.48 10.96
C ALA B 187 -27.19 31.92 9.54
N LEU B 188 -28.04 30.92 9.27
CA LEU B 188 -28.08 30.27 7.97
C LEU B 188 -29.03 31.00 7.04
N VAL B 189 -28.50 31.49 5.93
CA VAL B 189 -29.29 32.14 4.88
C VAL B 189 -29.67 31.07 3.86
N PRO B 190 -30.90 31.08 3.35
CA PRO B 190 -31.29 30.08 2.33
C PRO B 190 -30.31 30.00 1.18
N SER B 191 -29.92 28.77 0.84
CA SER B 191 -28.97 28.55 -0.24
C SER B 191 -29.59 28.93 -1.58
N LYS B 192 -28.74 28.96 -2.61
CA LYS B 192 -29.13 29.38 -3.94
C LYS B 192 -28.58 28.40 -4.96
N CYS B 193 -29.43 27.95 -5.88
CA CYS B 193 -28.98 27.11 -6.98
C CYS B 193 -30.04 26.97 -8.06
N GLN B 194 -29.65 27.22 -9.31
CA GLN B 194 -30.50 26.97 -10.49
C GLN B 194 -31.86 27.65 -10.35
N GLY B 195 -31.87 28.89 -9.89
CA GLY B 195 -33.08 29.65 -9.73
C GLY B 195 -33.91 29.29 -8.51
N HIS B 196 -33.69 28.12 -7.91
CA HIS B 196 -34.43 27.73 -6.73
C HIS B 196 -33.77 28.28 -5.47
N GLU B 197 -34.60 28.52 -4.46
CA GLU B 197 -34.16 29.05 -3.18
C GLU B 197 -34.41 27.98 -2.12
N ILE B 198 -33.36 27.59 -1.39
CA ILE B 198 -33.38 26.42 -0.53
C ILE B 198 -33.05 26.85 0.89
N SER B 199 -34.01 26.69 1.79
CA SER B 199 -33.80 26.90 3.21
C SER B 199 -33.35 25.60 3.86
N HIS B 200 -32.76 25.72 5.05
CA HIS B 200 -32.16 24.59 5.75
C HIS B 200 -32.81 24.38 7.10
N LYS B 201 -33.23 23.14 7.36
CA LYS B 201 -33.70 22.72 8.68
C LYS B 201 -32.81 21.57 9.14
N LEU B 202 -32.05 21.79 10.21
CA LEU B 202 -31.11 20.78 10.70
C LEU B 202 -31.60 20.17 12.01
N MET B 203 -31.39 18.86 12.16
CA MET B 203 -31.72 18.14 13.38
C MET B 203 -30.48 17.40 13.88
N MET B 204 -30.14 17.61 15.14
CA MET B 204 -28.96 16.98 15.73
C MET B 204 -29.38 15.63 16.30
N THR B 205 -29.36 14.61 15.46
CA THR B 205 -29.75 13.27 15.88
C THR B 205 -28.60 12.27 15.84
N MET B 206 -27.46 12.62 15.24
CA MET B 206 -26.29 11.76 15.26
C MET B 206 -25.57 11.95 16.60
N ILE B 207 -26.24 11.44 17.63
CA ILE B 207 -25.86 11.69 19.02
C ILE B 207 -26.21 10.43 19.82
N ASP B 208 -25.35 10.06 20.76
CA ASP B 208 -25.63 8.92 21.62
C ASP B 208 -26.09 9.41 23.00
N GLY B 209 -26.28 8.46 23.91
CA GLY B 209 -26.77 8.79 25.23
C GLY B 209 -25.76 9.57 26.06
N LYS B 210 -24.47 9.32 25.85
CA LYS B 210 -23.43 10.04 26.56
C LYS B 210 -23.54 11.54 26.33
N ILE B 211 -23.71 11.94 25.06
CA ILE B 211 -23.75 13.35 24.71
C ILE B 211 -25.02 14.00 25.25
N CYS B 212 -26.10 13.24 25.37
CA CYS B 212 -27.37 13.84 25.80
C CYS B 212 -27.35 14.21 27.28
N THR B 213 -26.79 13.34 28.13
CA THR B 213 -26.70 13.68 29.54
C THR B 213 -25.80 14.89 29.76
N TYR B 214 -24.81 15.07 28.90
CA TYR B 214 -24.00 16.29 28.95
C TYR B 214 -24.87 17.51 28.72
N LEU B 215 -25.71 17.47 27.69
CA LEU B 215 -26.46 18.65 27.29
C LEU B 215 -27.50 19.05 28.33
N SER B 216 -27.93 18.11 29.16
CA SER B 216 -28.90 18.38 30.22
C SER B 216 -28.25 18.59 31.58
N GLU B 217 -26.92 18.61 31.64
CA GLU B 217 -26.18 18.83 32.88
C GLU B 217 -26.44 17.69 33.86
N ALA B 223 -36.03 0.99 29.76
CA ALA B 223 -36.90 1.76 28.88
C ALA B 223 -37.84 0.87 28.09
N CYS B 224 -37.42 -0.37 27.85
CA CYS B 224 -38.20 -1.28 27.02
C CYS B 224 -39.57 -1.55 27.61
N TYR B 225 -40.60 -1.30 26.79
CA TYR B 225 -42.00 -1.68 27.01
C TYR B 225 -42.20 -3.16 27.31
N LEU B 226 -41.16 -3.83 27.86
CA LEU B 226 -41.06 -5.27 28.00
C LEU B 226 -40.64 -5.90 26.68
N CYS B 227 -39.98 -5.09 25.84
CA CYS B 227 -39.44 -5.44 24.52
C CYS B 227 -40.54 -5.53 23.48
N LEU B 228 -40.45 -4.67 22.48
CA LEU B 228 -41.49 -4.56 21.46
C LEU B 228 -40.98 -4.00 20.16
N ALA B 229 -40.59 -4.92 19.30
CA ALA B 229 -40.09 -4.62 17.95
C ALA B 229 -40.90 -5.38 16.91
N LYS B 230 -41.47 -4.65 15.95
CA LYS B 230 -42.09 -5.22 14.76
C LYS B 230 -41.79 -4.35 13.54
N VAL B 249 -35.64 8.15 17.14
CA VAL B 249 -34.59 7.33 17.75
C VAL B 249 -35.19 6.13 18.48
N TYR B 250 -34.32 5.17 18.81
CA TYR B 250 -34.70 3.90 19.45
C TYR B 250 -33.64 3.63 20.51
N GLU B 251 -33.77 4.32 21.65
CA GLU B 251 -32.69 4.43 22.64
C GLU B 251 -31.48 5.12 22.02
N PHE B 252 -31.77 6.11 21.15
CA PHE B 252 -30.84 7.07 20.56
C PHE B 252 -30.19 6.62 19.27
N GLY B 253 -30.23 5.32 18.97
CA GLY B 253 -29.68 4.79 17.74
C GLY B 253 -28.54 3.83 17.99
N LEU B 254 -27.50 3.93 17.17
CA LEU B 254 -26.43 2.94 17.21
C LEU B 254 -25.18 3.43 16.49
N SER B 255 -24.07 3.59 17.20
CA SER B 255 -22.82 3.98 16.56
C SER B 255 -22.13 2.74 16.00
N THR B 256 -21.75 2.82 14.72
CA THR B 256 -21.04 1.71 14.10
C THR B 256 -19.72 1.43 14.81
N LEU B 257 -19.04 2.48 15.25
CA LEU B 257 -17.79 2.28 15.98
C LEU B 257 -18.05 1.57 17.31
N HIS B 258 -19.01 2.07 18.08
CA HIS B 258 -19.31 1.47 19.36
C HIS B 258 -19.95 0.11 19.23
N ALA B 259 -20.63 -0.17 18.11
CA ALA B 259 -21.27 -1.47 17.98
C ALA B 259 -20.23 -2.57 17.88
N ARG B 260 -19.13 -2.34 17.16
N ARG B 260 -19.15 -2.36 17.12
CA ARG B 260 -18.14 -3.39 16.97
CA ARG B 260 -18.13 -3.38 16.97
C ARG B 260 -17.34 -3.64 18.25
C ARG B 260 -17.39 -3.65 18.28
N ILE B 261 -17.03 -2.59 19.00
CA ILE B 261 -16.22 -2.74 20.19
C ILE B 261 -17.01 -3.40 21.32
N ASN B 262 -18.19 -2.87 21.62
CA ASN B 262 -18.99 -3.35 22.75
C ASN B 262 -19.53 -4.76 22.53
N VAL B 263 -19.50 -5.27 21.30
CA VAL B 263 -19.87 -6.65 21.02
C VAL B 263 -18.66 -7.57 21.14
N MET B 264 -17.51 -7.15 20.61
CA MET B 264 -16.26 -7.86 20.83
C MET B 264 -16.03 -8.06 22.33
N GLU B 265 -16.12 -6.98 23.09
CA GLU B 265 -15.86 -7.06 24.53
C GLU B 265 -16.86 -7.99 25.20
N CYS B 266 -18.12 -7.98 24.76
CA CYS B 266 -19.11 -8.89 25.34
C CYS B 266 -18.75 -10.33 25.04
N LEU B 267 -18.21 -10.60 23.86
CA LEU B 267 -17.82 -11.97 23.53
C LEU B 267 -16.61 -12.41 24.32
N LEU B 268 -15.65 -11.50 24.52
CA LEU B 268 -14.47 -11.82 25.31
C LEU B 268 -14.83 -12.13 26.75
N HIS B 269 -15.69 -11.31 27.35
CA HIS B 269 -16.10 -11.53 28.74
C HIS B 269 -16.76 -12.91 28.88
N ILE B 270 -17.50 -13.35 27.87
CA ILE B 270 -18.01 -14.71 27.87
C ILE B 270 -16.86 -15.71 27.78
N ALA B 271 -15.85 -15.39 26.99
CA ALA B 271 -14.74 -16.32 26.79
C ALA B 271 -13.91 -16.47 28.07
N TYR B 272 -13.71 -15.38 28.81
CA TYR B 272 -12.92 -15.45 30.02
C TYR B 272 -13.58 -16.30 31.10
N ARG B 273 -14.91 -16.36 31.10
CA ARG B 273 -15.69 -17.04 32.12
C ARG B 273 -16.18 -18.42 31.68
N LEU B 274 -15.67 -18.92 30.55
CA LEU B 274 -16.14 -20.20 30.03
C LEU B 274 -15.76 -21.38 30.92
N ASP B 275 -14.74 -21.23 31.77
CA ASP B 275 -14.26 -22.35 32.58
C ASP B 275 -15.26 -22.76 33.65
N PHE B 276 -16.00 -21.79 34.20
CA PHE B 276 -16.97 -22.06 35.25
C PHE B 276 -18.40 -21.76 34.87
N LYS B 277 -18.64 -21.09 33.73
CA LYS B 277 -19.98 -20.93 33.16
C LYS B 277 -20.89 -20.13 34.07
N LYS B 278 -20.37 -19.02 34.62
CA LYS B 278 -21.14 -18.16 35.51
C LYS B 278 -20.93 -16.70 35.13
N TRP B 279 -21.98 -15.90 35.32
CA TRP B 279 -21.90 -14.49 34.98
C TRP B 279 -20.96 -13.74 35.92
N SER B 280 -21.09 -13.95 37.23
CA SER B 280 -20.32 -13.22 38.22
C SER B 280 -18.87 -13.67 38.23
N ALA B 281 -17.96 -12.71 38.07
CA ALA B 281 -16.54 -13.04 38.11
C ALA B 281 -16.06 -13.34 39.53
N ARG B 282 -16.83 -12.95 40.54
CA ARG B 282 -16.58 -13.36 41.90
C ARG B 282 -16.77 -14.87 42.05
N GLY B 283 -16.43 -15.38 43.23
CA GLY B 283 -16.58 -16.79 43.54
C GLY B 283 -15.28 -17.39 44.00
N GLU B 284 -15.35 -18.70 44.27
CA GLU B 284 -14.26 -19.44 44.91
C GLU B 284 -13.17 -19.70 43.87
N GLY B 285 -12.16 -18.83 43.83
CA GLY B 285 -11.02 -19.08 42.97
C GLY B 285 -11.35 -18.96 41.50
N HIS B 286 -12.58 -18.50 41.21
CA HIS B 286 -12.94 -18.20 39.83
C HIS B 286 -12.08 -17.07 39.29
N GLN B 287 -11.99 -15.97 40.04
CA GLN B 287 -11.06 -14.90 39.69
C GLN B 287 -9.66 -15.44 39.39
N GLU B 288 -9.24 -16.50 40.09
CA GLU B 288 -7.91 -17.02 39.87
C GLU B 288 -7.79 -17.70 38.50
N LEU B 289 -8.84 -18.38 38.04
CA LEU B 289 -8.78 -19.00 36.72
C LEU B 289 -9.42 -18.15 35.63
N LEU B 290 -10.28 -17.20 35.99
CA LEU B 290 -10.73 -16.20 35.02
C LEU B 290 -9.54 -15.39 34.52
N HIS B 291 -8.71 -14.88 35.44
CA HIS B 291 -7.51 -14.16 35.03
C HIS B 291 -6.57 -15.05 34.24
N SER B 292 -6.56 -16.35 34.55
CA SER B 292 -5.73 -17.30 33.82
C SER B 292 -6.22 -17.45 32.38
N ARG B 293 -7.53 -17.57 32.21
CA ARG B 293 -8.10 -17.66 30.87
C ARG B 293 -7.89 -16.37 30.09
N LYS B 294 -8.11 -15.22 30.74
CA LYS B 294 -7.96 -13.93 30.06
C LYS B 294 -6.56 -13.75 29.50
N LYS B 295 -5.54 -14.23 30.22
CA LYS B 295 -4.18 -14.11 29.71
C LYS B 295 -3.87 -15.19 28.68
N LEU B 296 -4.48 -16.38 28.81
CA LEU B 296 -4.34 -17.40 27.78
C LEU B 296 -4.87 -16.91 26.45
N ILE B 297 -6.08 -16.35 26.46
CA ILE B 297 -6.67 -15.85 25.22
C ILE B 297 -5.91 -14.63 24.73
N GLN B 298 -5.50 -13.75 25.63
CA GLN B 298 -4.70 -12.60 25.24
C GLN B 298 -3.39 -13.05 24.58
N ASP B 299 -2.81 -14.15 25.07
CA ASP B 299 -1.56 -14.64 24.49
C ASP B 299 -1.81 -15.28 23.12
N ARG B 300 -2.92 -16.01 22.98
CA ARG B 300 -3.28 -16.58 21.68
C ARG B 300 -3.44 -15.49 20.62
N PHE B 301 -4.10 -14.39 20.97
CA PHE B 301 -4.32 -13.29 20.01
C PHE B 301 -3.04 -12.58 19.62
N LYS B 302 -1.93 -12.83 20.29
CA LYS B 302 -0.66 -12.24 19.91
C LYS B 302 0.21 -13.18 19.08
N ASP B 303 0.28 -14.45 19.48
CA ASP B 303 1.08 -15.40 18.69
C ASP B 303 0.37 -15.83 17.43
N ASP B 304 -0.96 -15.79 17.41
CA ASP B 304 -1.73 -16.17 16.24
C ASP B 304 -2.11 -14.99 15.35
N LEU B 305 -2.22 -13.79 15.91
CA LEU B 305 -2.84 -12.68 15.19
C LEU B 305 -2.15 -11.34 15.38
N ASN B 306 -1.21 -11.19 16.32
CA ASN B 306 -0.57 -9.91 16.60
C ASN B 306 -1.60 -8.84 17.01
N LEU B 307 -2.44 -9.20 17.97
CA LEU B 307 -3.54 -8.34 18.43
C LEU B 307 -3.37 -8.06 19.92
N LEU B 308 -3.50 -6.79 20.29
CA LEU B 308 -3.51 -6.36 21.70
C LEU B 308 -4.96 -6.26 22.16
N ILE B 309 -5.44 -7.30 22.84
CA ILE B 309 -6.88 -7.48 22.97
C ILE B 309 -7.46 -6.60 24.08
N ASP B 310 -6.75 -6.46 25.21
CA ASP B 310 -7.24 -5.67 26.34
C ASP B 310 -6.12 -4.83 26.93
N ILE B 311 -5.18 -4.40 26.11
CA ILE B 311 -3.94 -3.77 26.58
C ILE B 311 -4.22 -2.33 26.99
N VAL B 312 -3.71 -1.96 28.16
CA VAL B 312 -3.91 -0.63 28.74
C VAL B 312 -2.60 0.14 28.66
N LYS B 313 -2.67 1.40 28.23
CA LYS B 313 -1.55 2.31 28.28
C LYS B 313 -1.78 3.50 29.21
N GLN B 314 -3.00 3.69 29.71
CA GLN B 314 -3.31 4.85 30.54
C GLN B 314 -4.53 4.52 31.40
N GLY B 315 -4.30 4.31 32.70
CA GLY B 315 -5.37 4.33 33.68
C GLY B 315 -6.23 3.10 33.82
N SER B 316 -5.61 1.93 34.01
CA SER B 316 -6.32 0.69 34.36
C SER B 316 -7.52 0.44 33.45
N GLY B 317 -7.37 0.79 32.17
CA GLY B 317 -8.46 0.79 31.24
C GLY B 317 -8.41 -0.36 30.25
N THR B 318 -9.25 -0.22 29.20
CA THR B 318 -9.39 -1.20 28.14
C THR B 318 -9.45 -0.40 26.83
N THR B 319 -8.28 0.09 26.43
CA THR B 319 -8.10 0.90 25.22
C THR B 319 -8.06 0.01 23.97
N ASN B 320 -9.23 -0.55 23.65
CA ASN B 320 -9.42 -1.33 22.43
C ASN B 320 -9.87 -0.39 21.33
N ASP B 321 -9.11 -0.38 20.23
CA ASP B 321 -9.40 0.46 19.09
C ASP B 321 -10.56 -0.11 18.28
N GLY B 322 -11.13 0.75 17.43
CA GLY B 322 -12.02 0.24 16.39
C GLY B 322 -11.30 -0.64 15.40
N ASN B 323 -10.01 -0.39 15.20
CA ASN B 323 -9.18 -1.29 14.40
C ASN B 323 -9.09 -2.66 15.06
N THR B 324 -9.04 -2.70 16.39
CA THR B 324 -8.96 -3.97 17.11
C THR B 324 -10.24 -4.80 16.93
N ALA B 325 -11.41 -4.14 17.01
CA ALA B 325 -12.66 -4.87 16.80
C ALA B 325 -12.81 -5.37 15.38
N ARG B 326 -12.30 -4.62 14.40
CA ARG B 326 -12.37 -5.09 13.02
C ARG B 326 -11.61 -6.39 12.83
N ARG B 327 -10.45 -6.50 13.47
CA ARG B 327 -9.64 -7.72 13.34
C ARG B 327 -10.17 -8.86 14.20
N PHE B 328 -10.90 -8.54 15.27
CA PHE B 328 -11.50 -9.59 16.09
C PHE B 328 -12.54 -10.38 15.33
N PHE B 329 -13.26 -9.73 14.42
CA PHE B 329 -14.31 -10.37 13.64
C PHE B 329 -13.88 -10.73 12.21
N GLU B 330 -12.71 -10.29 11.77
CA GLU B 330 -12.26 -10.51 10.39
C GLU B 330 -12.14 -11.99 10.04
N PHE B 331 -11.94 -12.86 11.02
CA PHE B 331 -11.73 -14.29 10.78
C PHE B 331 -12.44 -15.09 11.87
N PRO B 332 -13.75 -15.28 11.74
CA PRO B 332 -14.50 -15.96 12.80
C PRO B 332 -14.08 -17.39 13.07
N ASP B 333 -13.59 -18.11 12.05
CA ASP B 333 -13.15 -19.49 12.26
C ASP B 333 -11.93 -19.56 13.17
N LYS B 334 -11.07 -18.53 13.13
CA LYS B 334 -9.83 -18.50 13.88
C LYS B 334 -10.04 -17.91 15.28
N THR B 335 -10.80 -16.82 15.36
CA THR B 335 -11.18 -16.23 16.64
C THR B 335 -11.86 -17.26 17.54
N ALA B 336 -12.67 -18.15 16.95
CA ALA B 336 -13.38 -19.13 17.75
C ALA B 336 -12.42 -20.16 18.36
N ALA B 337 -11.41 -20.58 17.61
CA ALA B 337 -10.43 -21.49 18.19
C ALA B 337 -9.64 -20.81 19.30
N ILE B 338 -9.36 -19.52 19.12
CA ILE B 338 -8.62 -18.77 20.13
C ILE B 338 -9.46 -18.61 21.39
N THR B 339 -10.66 -18.06 21.25
CA THR B 339 -11.48 -17.73 22.42
C THR B 339 -12.26 -18.92 22.96
N GLY B 340 -12.40 -20.00 22.20
CA GLY B 340 -13.22 -21.11 22.63
C GLY B 340 -14.70 -20.90 22.44
N LEU B 341 -15.10 -19.84 21.74
CA LEU B 341 -16.50 -19.52 21.51
C LEU B 341 -17.03 -20.24 20.28
N ASP B 342 -18.35 -20.19 20.09
CA ASP B 342 -18.96 -20.90 18.98
C ASP B 342 -18.71 -20.12 17.69
N GLU B 343 -18.18 -20.81 16.68
CA GLU B 343 -17.81 -20.16 15.43
C GLU B 343 -19.03 -19.56 14.74
N ASP B 344 -20.13 -20.34 14.67
CA ASP B 344 -21.37 -19.82 14.09
C ASP B 344 -21.74 -18.48 14.69
N LEU B 345 -21.77 -18.38 16.03
CA LEU B 345 -22.13 -17.13 16.69
C LEU B 345 -21.21 -15.99 16.28
N ILE B 346 -19.90 -16.25 16.22
CA ILE B 346 -18.96 -15.16 15.94
C ILE B 346 -19.17 -14.63 14.53
N ARG B 347 -19.25 -15.53 13.55
CA ARG B 347 -19.52 -15.12 12.17
C ARG B 347 -20.86 -14.39 12.06
N ARG B 348 -21.87 -14.86 12.77
CA ARG B 348 -23.15 -14.19 12.79
C ARG B 348 -23.01 -12.75 13.28
N PHE B 349 -22.28 -12.54 14.38
CA PHE B 349 -22.06 -11.19 14.87
C PHE B 349 -21.21 -10.38 13.92
N SER B 350 -20.27 -11.02 13.22
CA SER B 350 -19.43 -10.31 12.28
C SER B 350 -20.22 -9.88 11.05
N VAL B 351 -21.02 -10.79 10.50
CA VAL B 351 -21.86 -10.44 9.34
C VAL B 351 -22.73 -9.25 9.67
N ILE B 352 -23.31 -9.22 10.86
CA ILE B 352 -24.18 -8.10 11.23
C ILE B 352 -23.39 -6.80 11.29
N LEU B 353 -22.28 -6.80 12.02
CA LEU B 353 -21.49 -5.58 12.16
C LEU B 353 -20.96 -5.10 10.82
N GLN B 354 -20.73 -6.01 9.88
CA GLN B 354 -20.35 -5.60 8.52
C GLN B 354 -21.49 -4.89 7.82
N ALA B 355 -22.70 -5.47 7.87
CA ALA B 355 -23.86 -4.83 7.28
C ALA B 355 -24.07 -3.42 7.85
N ILE B 356 -24.00 -3.30 9.18
CA ILE B 356 -24.17 -2.00 9.83
C ILE B 356 -23.15 -0.99 9.33
N THR B 357 -21.88 -1.38 9.29
CA THR B 357 -20.81 -0.44 9.00
C THR B 357 -20.67 -0.13 7.52
N SER B 358 -21.28 -0.95 6.65
CA SER B 358 -21.15 -0.72 5.22
C SER B 358 -21.80 0.60 4.80
N GLY B 359 -22.79 1.05 5.54
CA GLY B 359 -23.54 2.23 5.16
C GLY B 359 -24.51 2.02 4.03
N GLU B 360 -24.50 0.84 3.42
CA GLU B 360 -25.43 0.54 2.35
C GLU B 360 -26.81 0.24 2.93
N ILE B 361 -27.77 0.02 2.03
CA ILE B 361 -29.12 -0.32 2.42
C ILE B 361 -29.15 -1.79 2.82
N ILE B 362 -29.77 -2.08 3.95
CA ILE B 362 -29.90 -3.44 4.46
C ILE B 362 -31.33 -3.92 4.24
N ASP B 363 -31.48 -5.14 3.77
CA ASP B 363 -32.80 -5.77 3.70
C ASP B 363 -33.37 -5.89 5.11
N VAL B 364 -34.16 -4.89 5.53
CA VAL B 364 -34.64 -4.84 6.92
C VAL B 364 -35.36 -6.14 7.33
N PRO B 365 -36.33 -6.67 6.57
CA PRO B 365 -36.94 -7.93 6.99
C PRO B 365 -35.95 -9.08 7.05
N LYS B 366 -35.01 -9.13 6.12
CA LYS B 366 -34.00 -10.19 6.14
C LYS B 366 -33.00 -9.98 7.28
N PHE B 367 -32.77 -8.73 7.69
CA PHE B 367 -31.88 -8.47 8.81
C PHE B 367 -32.54 -8.84 10.13
N LYS B 368 -33.79 -8.41 10.32
CA LYS B 368 -34.49 -8.73 11.56
C LYS B 368 -34.52 -10.24 11.80
N GLU B 369 -34.75 -11.02 10.75
CA GLU B 369 -34.71 -12.47 10.88
C GLU B 369 -33.32 -12.94 11.26
N TYR B 370 -32.28 -12.29 10.71
CA TYR B 370 -30.92 -12.69 11.02
C TYR B 370 -30.55 -12.33 12.45
N ALA B 371 -30.94 -11.13 12.90
CA ALA B 371 -30.70 -10.77 14.30
C ALA B 371 -31.52 -11.64 15.23
N ARG B 372 -32.79 -11.87 14.90
N ARG B 372 -32.82 -11.81 14.93
CA ARG B 372 -33.67 -12.62 15.77
CA ARG B 372 -33.68 -12.65 15.75
C ARG B 372 -33.23 -14.08 15.89
C ARG B 372 -33.10 -14.04 15.94
N THR B 373 -32.52 -14.61 14.89
CA THR B 373 -31.97 -15.95 14.97
C THR B 373 -30.61 -15.97 15.65
N THR B 374 -29.77 -14.96 15.40
CA THR B 374 -28.53 -14.82 16.14
C THR B 374 -28.79 -14.71 17.64
N ALA B 375 -29.81 -13.95 18.03
CA ALA B 375 -30.21 -13.88 19.42
C ALA B 375 -30.56 -15.27 19.96
N GLU B 376 -31.36 -16.03 19.21
CA GLU B 376 -31.69 -17.40 19.62
C GLU B 376 -30.44 -18.24 19.80
N LYS B 377 -29.45 -18.07 18.93
CA LYS B 377 -28.21 -18.83 19.05
C LYS B 377 -27.41 -18.41 20.28
N TYR B 378 -27.50 -17.14 20.68
CA TYR B 378 -26.83 -16.67 21.88
C TYR B 378 -27.33 -17.40 23.12
N VAL B 379 -28.65 -17.35 23.34
CA VAL B 379 -29.23 -18.03 24.48
C VAL B 379 -29.03 -19.54 24.37
N GLU B 380 -28.92 -20.07 23.15
CA GLU B 380 -28.66 -21.49 22.97
C GLU B 380 -27.33 -21.89 23.59
N LEU B 381 -26.31 -21.05 23.43
CA LEU B 381 -24.97 -21.37 23.92
C LEU B 381 -24.71 -20.84 25.32
N TYR B 382 -25.07 -19.58 25.58
CA TYR B 382 -24.63 -18.87 26.77
C TYR B 382 -25.78 -18.16 27.45
N ASP B 383 -26.86 -18.89 27.76
CA ASP B 383 -27.97 -18.27 28.47
C ASP B 383 -27.55 -17.82 29.85
N TRP B 384 -26.40 -18.30 30.34
CA TRP B 384 -25.94 -17.95 31.68
C TRP B 384 -25.33 -16.55 31.73
N TYR B 385 -24.70 -16.10 30.65
CA TYR B 385 -24.21 -14.73 30.54
C TYR B 385 -25.31 -13.85 29.96
N TYR B 386 -25.82 -12.92 30.76
CA TYR B 386 -26.84 -11.99 30.29
C TYR B 386 -26.26 -11.08 29.23
N MET B 387 -26.99 -10.88 28.13
CA MET B 387 -26.45 -10.11 27.02
C MET B 387 -26.40 -8.63 27.37
N SER B 388 -25.30 -7.98 27.02
CA SER B 388 -25.14 -6.55 27.26
C SER B 388 -26.19 -5.74 26.51
N SER B 389 -26.40 -4.51 26.98
CA SER B 389 -27.42 -3.64 26.40
C SER B 389 -27.16 -3.38 24.92
N THR B 390 -25.89 -3.28 24.51
CA THR B 390 -25.57 -3.09 23.10
C THR B 390 -25.92 -4.33 22.29
N VAL B 391 -25.63 -5.51 22.82
CA VAL B 391 -26.01 -6.73 22.10
C VAL B 391 -27.52 -6.88 22.06
N HIS B 392 -28.20 -6.55 23.16
CA HIS B 392 -29.67 -6.52 23.16
C HIS B 392 -30.19 -5.53 22.12
N LYS B 393 -29.70 -4.30 22.16
CA LYS B 393 -30.17 -3.27 21.24
C LYS B 393 -29.97 -3.67 19.80
N LEU B 394 -28.88 -4.38 19.52
CA LEU B 394 -28.59 -4.77 18.16
C LEU B 394 -29.51 -5.89 17.70
N LEU B 395 -29.47 -7.03 18.38
CA LEU B 395 -30.21 -8.20 17.93
C LEU B 395 -31.72 -7.99 18.03
N ILE B 396 -32.19 -7.35 19.09
CA ILE B 396 -33.63 -7.26 19.33
C ILE B 396 -34.22 -6.00 18.70
N HIS B 397 -33.56 -4.85 18.79
CA HIS B 397 -34.07 -3.60 18.23
C HIS B 397 -33.25 -3.09 17.05
N GLY B 398 -32.37 -3.91 16.49
CA GLY B 398 -31.51 -3.41 15.44
C GLY B 398 -32.17 -3.25 14.10
N GLY B 399 -33.07 -4.18 13.77
CA GLY B 399 -33.83 -4.06 12.53
C GLY B 399 -34.55 -2.73 12.45
N ASP B 400 -35.25 -2.35 13.51
CA ASP B 400 -36.00 -1.10 13.48
C ASP B 400 -35.07 0.10 13.38
N ILE B 401 -33.93 0.06 14.08
CA ILE B 401 -32.99 1.19 14.02
C ILE B 401 -32.48 1.38 12.60
N ILE B 402 -32.08 0.28 11.94
CA ILE B 402 -31.77 0.31 10.51
C ILE B 402 -32.92 0.96 9.75
N ALA B 403 -34.13 0.44 9.95
CA ALA B 403 -35.28 0.84 9.14
C ALA B 403 -35.54 2.33 9.24
N GLU B 404 -35.32 2.93 10.40
CA GLU B 404 -35.49 4.35 10.57
C GLU B 404 -34.18 5.13 10.38
N ASN B 405 -33.21 4.55 9.67
CA ASN B 405 -31.94 5.20 9.34
C ASN B 405 -31.37 5.95 10.55
N ALA B 406 -31.30 5.24 11.67
CA ALA B 406 -30.85 5.79 12.94
C ALA B 406 -29.51 5.18 13.36
N ILE B 407 -28.63 5.00 12.40
CA ILE B 407 -27.29 4.45 12.62
C ILE B 407 -26.29 5.55 12.31
N VAL B 408 -25.33 5.74 13.20
CA VAL B 408 -24.42 6.88 13.16
C VAL B 408 -23.06 6.38 12.72
N PRO B 409 -22.54 6.81 11.57
CA PRO B 409 -21.19 6.41 11.17
C PRO B 409 -20.10 7.37 11.62
N ILE B 410 -20.46 8.48 12.27
CA ILE B 410 -19.46 9.31 12.92
C ILE B 410 -18.74 8.46 13.94
N GLY B 411 -17.43 8.52 13.94
CA GLY B 411 -16.67 7.66 14.82
C GLY B 411 -15.85 6.71 13.98
N SER B 412 -16.51 5.70 13.38
CA SER B 412 -15.77 4.85 12.46
C SER B 412 -15.18 5.68 11.34
N LEU B 413 -15.93 6.66 10.86
CA LEU B 413 -15.41 7.56 9.85
C LEU B 413 -14.27 8.41 10.43
N SER B 414 -14.43 8.87 11.67
CA SER B 414 -13.33 9.60 12.32
C SER B 414 -12.11 8.72 12.52
N GLU B 415 -12.32 7.43 12.76
CA GLU B 415 -11.20 6.51 12.93
C GLU B 415 -10.48 6.26 11.61
N GLU B 416 -11.23 5.92 10.56
CA GLU B 416 -10.60 5.73 9.25
C GLU B 416 -9.86 6.99 8.80
N ALA B 417 -10.38 8.16 9.16
CA ALA B 417 -9.65 9.40 8.89
C ALA B 417 -8.37 9.47 9.69
N SER B 418 -8.44 9.21 11.00
CA SER B 418 -7.26 9.26 11.85
C SER B 418 -6.19 8.28 11.39
N GLU B 419 -6.59 7.04 11.06
CA GLU B 419 -5.64 6.07 10.53
C GLU B 419 -5.04 6.52 9.22
N ALA B 420 -5.77 7.32 8.44
CA ALA B 420 -5.32 7.76 7.12
C ALA B 420 -4.42 8.98 7.18
N ARG B 421 -4.45 9.72 8.29
CA ARG B 421 -3.49 10.81 8.47
C ARG B 421 -2.12 10.26 8.87
N ASN B 422 -2.10 9.29 9.78
CA ASN B 422 -0.85 8.65 10.18
C ASN B 422 -0.14 8.05 8.97
N LYS B 423 -0.88 7.66 7.93
CA LYS B 423 -0.25 7.14 6.72
C LYS B 423 0.27 8.28 5.84
N ASP B 424 -0.51 9.36 5.71
CA ASP B 424 -0.02 10.52 4.98
C ASP B 424 1.16 11.15 5.70
N PHE B 425 1.11 11.20 7.03
CA PHE B 425 2.24 11.74 7.78
C PHE B 425 3.50 10.91 7.54
N ARG B 426 3.35 9.59 7.46
CA ARG B 426 4.50 8.73 7.23
C ARG B 426 5.05 8.87 5.82
N ARG B 427 4.22 9.30 4.87
CA ARG B 427 4.65 9.53 3.49
C ARG B 427 5.12 10.95 3.25
N PHE B 428 4.43 11.95 3.83
CA PHE B 428 4.85 13.32 3.67
C PHE B 428 6.13 13.61 4.47
N ARG B 429 6.28 12.99 5.63
CA ARG B 429 7.48 13.19 6.43
C ARG B 429 8.73 12.77 5.66
N GLU B 430 8.61 11.73 4.83
CA GLU B 430 9.76 11.24 4.08
C GLU B 430 10.15 12.18 2.94
N HIS B 431 9.42 13.28 2.77
CA HIS B 431 9.81 14.29 1.79
C HIS B 431 9.49 15.71 2.28
N HIS B 432 9.09 15.87 3.54
CA HIS B 432 8.80 17.19 4.08
C HIS B 432 9.13 17.20 5.57
N SER B 433 9.29 18.41 6.11
CA SER B 433 9.51 18.54 7.54
C SER B 433 8.20 18.30 8.31
N ARG B 434 8.33 18.16 9.63
CA ARG B 434 7.19 17.85 10.47
C ARG B 434 6.18 19.00 10.52
N LYS B 435 6.68 20.22 10.74
CA LYS B 435 5.78 21.37 10.86
C LYS B 435 4.92 21.55 9.62
N LYS B 436 5.42 21.18 8.44
CA LYS B 436 4.59 21.21 7.24
C LYS B 436 3.79 19.93 7.06
N SER B 437 4.39 18.78 7.35
CA SER B 437 3.69 17.51 7.21
C SER B 437 2.52 17.38 8.19
N ARG B 438 2.54 18.09 9.31
CA ARG B 438 1.43 18.01 10.24
C ARG B 438 0.19 18.72 9.72
N GLN B 439 0.36 19.72 8.86
CA GLN B 439 -0.77 20.39 8.24
C GLN B 439 -1.10 19.85 6.86
N ALA B 440 -0.08 19.48 6.07
CA ALA B 440 -0.33 18.84 4.78
C ALA B 440 -1.15 17.56 4.93
N SER B 441 -1.06 16.90 6.09
CA SER B 441 -1.92 15.76 6.36
C SER B 441 -3.34 16.21 6.70
N ASN B 442 -3.47 17.18 7.61
CA ASN B 442 -4.79 17.71 7.94
C ASN B 442 -5.46 18.34 6.73
N GLU B 443 -4.67 18.93 5.83
CA GLU B 443 -5.21 19.49 4.59
C GLU B 443 -5.79 18.40 3.71
N ASP B 444 -5.06 17.30 3.54
CA ASP B 444 -5.47 16.25 2.61
C ASP B 444 -6.61 15.40 3.16
N ILE B 445 -6.63 15.16 4.47
CA ILE B 445 -7.65 14.30 5.05
C ILE B 445 -9.02 14.96 4.98
N LEU B 446 -9.09 16.27 5.25
CA LEU B 446 -10.35 17.00 5.08
C LEU B 446 -10.86 16.90 3.65
N ASN B 447 -9.95 16.99 2.68
CA ASN B 447 -10.36 16.89 1.28
C ASN B 447 -10.92 15.51 0.96
N MET B 448 -10.21 14.45 1.35
CA MET B 448 -10.72 13.11 1.08
C MET B 448 -12.03 12.86 1.81
N LEU B 449 -12.22 13.47 2.98
CA LEU B 449 -13.53 13.40 3.63
C LEU B 449 -14.58 14.16 2.83
N ILE B 450 -14.18 15.17 2.08
CA ILE B 450 -15.12 15.92 1.24
C ILE B 450 -15.42 15.16 -0.04
N ILE B 451 -14.37 14.64 -0.68
CA ILE B 451 -14.55 13.84 -1.89
C ILE B 451 -15.46 12.65 -1.60
N SER B 452 -15.23 11.95 -0.49
CA SER B 452 -16.03 10.77 -0.18
C SER B 452 -17.47 11.14 0.14
N SER B 453 -17.70 12.35 0.66
CA SER B 453 -19.03 12.82 1.01
C SER B 453 -19.61 13.74 -0.04
N ASP B 454 -19.08 13.72 -1.24
CA ASP B 454 -19.60 14.59 -2.29
C ASP B 454 -20.82 13.93 -2.93
N PRO B 455 -21.94 14.66 -3.06
CA PRO B 455 -23.16 14.01 -3.58
C PRO B 455 -23.04 13.53 -5.02
N LEU B 456 -22.31 14.24 -5.88
CA LEU B 456 -22.19 13.82 -7.27
C LEU B 456 -21.25 12.64 -7.44
N ILE B 457 -20.18 12.60 -6.63
CA ILE B 457 -19.23 11.49 -6.72
C ILE B 457 -19.87 10.20 -6.23
N SER B 458 -20.53 10.26 -5.06
CA SER B 458 -21.17 9.07 -4.51
C SER B 458 -22.32 8.56 -5.36
N PHE B 459 -22.88 9.39 -6.23
CA PHE B 459 -23.96 8.95 -7.11
C PHE B 459 -23.50 7.90 -8.10
N THR B 460 -22.22 7.90 -8.47
CA THR B 460 -21.65 6.95 -9.42
C THR B 460 -20.45 6.21 -8.82
N ARG B 461 -20.50 5.94 -7.50
CA ARG B 461 -19.43 5.17 -6.90
C ARG B 461 -19.80 3.69 -6.87
N PRO B 462 -18.81 2.80 -7.03
CA PRO B 462 -19.09 1.37 -6.94
C PRO B 462 -19.80 1.04 -5.64
N LYS B 463 -20.79 0.14 -5.73
CA LYS B 463 -21.64 -0.17 -4.61
C LYS B 463 -20.86 -0.62 -3.38
N LEU B 464 -19.66 -1.15 -3.56
CA LEU B 464 -18.86 -1.60 -2.43
C LEU B 464 -17.39 -1.54 -2.83
N ASP B 465 -16.54 -1.16 -1.87
CA ASP B 465 -15.12 -0.92 -2.11
C ASP B 465 -14.42 -2.16 -2.67
N ALA B 466 -13.19 -1.96 -3.14
CA ALA B 466 -12.29 -3.09 -3.32
C ALA B 466 -11.97 -3.76 -2.00
N HIS B 467 -11.93 -2.99 -0.92
CA HIS B 467 -11.75 -3.57 0.40
C HIS B 467 -12.96 -4.42 0.79
N LYS B 468 -14.17 -3.90 0.56
CA LYS B 468 -15.36 -4.63 0.97
C LYS B 468 -15.55 -5.91 0.16
N ARG B 469 -15.08 -5.94 -1.09
CA ARG B 469 -15.14 -7.17 -1.86
C ARG B 469 -14.38 -8.29 -1.17
N GLN B 470 -13.18 -8.00 -0.69
CA GLN B 470 -12.32 -9.03 -0.14
C GLN B 470 -12.82 -9.51 1.23
N THR B 471 -13.37 -8.60 2.02
CA THR B 471 -13.68 -8.87 3.42
C THR B 471 -15.12 -9.31 3.67
N TYR B 472 -16.10 -8.76 2.95
CA TYR B 472 -17.49 -9.06 3.25
C TYR B 472 -17.83 -10.52 2.95
N PHE B 473 -18.64 -11.12 3.81
CA PHE B 473 -19.02 -12.52 3.68
C PHE B 473 -20.24 -12.66 2.77
N LYS B 474 -20.55 -13.90 2.41
CA LYS B 474 -21.75 -14.15 1.61
C LYS B 474 -23.01 -13.71 2.32
N GLU B 475 -23.10 -14.01 3.63
CA GLU B 475 -24.28 -13.59 4.37
C GLU B 475 -24.40 -12.08 4.42
N THR B 476 -23.27 -11.37 4.42
CA THR B 476 -23.31 -9.92 4.51
C THR B 476 -23.85 -9.32 3.23
N VAL B 477 -23.27 -9.71 2.09
CA VAL B 477 -23.69 -9.18 0.81
C VAL B 477 -25.17 -9.46 0.56
N GLU B 478 -25.64 -10.64 0.92
CA GLU B 478 -27.06 -10.97 0.78
C GLU B 478 -27.95 -10.07 1.63
N LEU B 479 -27.47 -9.64 2.80
CA LEU B 479 -28.26 -8.71 3.61
C LEU B 479 -28.31 -7.32 2.98
N LEU B 480 -27.30 -6.97 2.19
CA LEU B 480 -27.32 -5.72 1.45
C LEU B 480 -27.93 -5.92 0.09
N GLN B 481 -28.23 -7.17 -0.25
CA GLN B 481 -28.79 -7.59 -1.53
C GLN B 481 -27.98 -7.04 -2.71
N LEU B 482 -26.65 -7.15 -2.58
CA LEU B 482 -25.71 -6.84 -3.63
C LEU B 482 -25.13 -8.10 -4.26
N GLN B 483 -25.92 -9.17 -4.28
CA GLN B 483 -25.41 -10.52 -4.53
C GLN B 483 -24.71 -10.64 -5.88
N ASP B 484 -25.16 -9.89 -6.89
CA ASP B 484 -24.56 -10.00 -8.21
C ASP B 484 -23.83 -8.73 -8.62
N GLN B 485 -22.98 -8.22 -7.73
CA GLN B 485 -22.10 -7.10 -8.06
C GLN B 485 -20.99 -6.99 -7.03
#